data_8H0B
#
_entry.id   8H0B
#
_cell.length_a   65.813
_cell.length_b   71.871
_cell.length_c   83.101
_cell.angle_alpha   90.000
_cell.angle_beta   101.460
_cell.angle_gamma   90.000
#
_symmetry.space_group_name_H-M   'P 1 21 1'
#
loop_
_entity.id
_entity.type
_entity.pdbx_description
1 polymer 'SGNH/GDSL hydrolase family protein'
2 non-polymer 'OLEIC ACID'
3 non-polymer 'PENTAETHYLENE GLYCOL'
4 non-polymer 'MAGNESIUM ION'
5 water water
#
_entity_poly.entity_id   1
_entity_poly.type   'polypeptide(L)'
_entity_poly.pdbx_seq_one_letter_code
;MGMMKKTITLLTALLPLASAIAEEPTLSPAMVSAAEVVSAQENQTYTYVRCWYRTSHSKDDAATDWKWAKNQDGSDFTID
GYWWSSVSFKNMFYTNTSQNVIRQRCEETLDLANENADITFFAADNRYSYNHTIWSNDAAMQPDQINKVVALGDSLSDTG
NIFNASQWRFPNPNSWFLGHFSNGFVWTEYVAKAKNLPLYNWAVGGAAGENQYIALTGVGEQVSSYLTYTKLAKNYNPAN
TLFTLEFGLNDFMNYNRSVPEVKADYAEALIRLTDAGAKNFMLMTLPDATKAPQFKYSTQEEIETIRAKVLKMNEFIKAQ
AMYYKAQGYNIALFDTHALFEKLTSAPEEHGFVNASDPCLDINRSSSVDYMYTHSLRSECAASGADKFVFWDVTHPTTAT
HRYVAEKMLESSNNLEEFRFHHHHHH
;
_entity_poly.pdbx_strand_id   A,B
#
loop_
_chem_comp.id
_chem_comp.type
_chem_comp.name
_chem_comp.formula
1PE non-polymer 'PENTAETHYLENE GLYCOL' 'C10 H22 O6'
MG non-polymer 'MAGNESIUM ION' 'Mg 2'
OLA non-polymer 'OLEIC ACID' 'C18 H34 O2'
#
# COMPACT_ATOMS: atom_id res chain seq x y z
N ALA A 30 7.14 5.47 -17.12
CA ALA A 30 7.13 6.73 -16.38
C ALA A 30 6.86 6.57 -14.88
N MET A 31 5.88 5.71 -14.48
CA MET A 31 5.44 5.38 -13.10
C MET A 31 4.66 6.51 -12.41
N VAL A 32 5.19 7.74 -12.46
CA VAL A 32 4.61 8.96 -11.87
C VAL A 32 4.85 10.05 -12.92
N SER A 33 3.79 10.73 -13.36
CA SER A 33 3.91 11.79 -14.38
C SER A 33 4.69 12.99 -13.86
N ALA A 34 5.21 13.81 -14.80
CA ALA A 34 5.97 15.03 -14.51
C ALA A 34 5.12 16.03 -13.72
N ALA A 35 3.80 16.08 -14.01
CA ALA A 35 2.81 16.96 -13.37
C ALA A 35 2.58 16.55 -11.92
N GLU A 36 2.48 15.23 -11.66
CA GLU A 36 2.30 14.67 -10.31
C GLU A 36 3.53 14.98 -9.46
N VAL A 37 4.76 14.84 -10.04
CA VAL A 37 6.04 15.02 -9.33
C VAL A 37 6.19 16.47 -8.81
N VAL A 38 6.16 17.49 -9.69
CA VAL A 38 6.30 18.91 -9.28
C VAL A 38 5.28 19.29 -8.22
N SER A 39 3.98 18.97 -8.44
CA SER A 39 2.86 19.24 -7.54
C SER A 39 3.09 18.65 -6.13
N ALA A 40 3.66 17.46 -6.05
CA ALA A 40 3.99 16.81 -4.77
C ALA A 40 5.23 17.48 -4.11
N GLN A 41 6.28 17.77 -4.90
CA GLN A 41 7.51 18.41 -4.40
C GLN A 41 7.29 19.85 -3.94
N GLU A 42 6.33 20.55 -4.60
CA GLU A 42 5.99 21.93 -4.27
C GLU A 42 5.12 22.03 -3.02
N ASN A 43 4.53 20.89 -2.56
CA ASN A 43 3.70 20.86 -1.36
C ASN A 43 4.62 20.75 -0.12
N GLN A 44 5.42 21.80 0.09
CA GLN A 44 6.42 21.91 1.17
C GLN A 44 5.78 22.08 2.54
N THR A 45 6.34 21.38 3.53
CA THR A 45 5.92 21.39 4.93
C THR A 45 7.14 21.00 5.79
N TYR A 46 6.89 20.62 7.04
CA TYR A 46 7.91 20.18 7.95
C TYR A 46 7.38 19.03 8.78
N THR A 47 8.30 18.27 9.38
CA THR A 47 7.96 17.18 10.28
C THR A 47 9.03 17.06 11.37
N TYR A 48 8.79 16.18 12.34
CA TYR A 48 9.73 15.96 13.43
C TYR A 48 10.45 14.64 13.21
N VAL A 49 11.47 14.36 14.02
CA VAL A 49 12.26 13.13 13.89
C VAL A 49 12.18 12.33 15.16
N ARG A 50 11.75 11.07 15.01
CA ARG A 50 11.70 10.10 16.08
C ARG A 50 13.05 9.38 16.07
N CYS A 51 13.81 9.48 17.18
CA CYS A 51 15.15 8.89 17.35
C CYS A 51 15.03 7.63 18.17
N TRP A 52 15.21 6.46 17.54
CA TRP A 52 15.10 5.17 18.21
C TRP A 52 16.45 4.67 18.65
N TYR A 53 16.49 3.91 19.74
CA TYR A 53 17.74 3.39 20.30
C TYR A 53 17.52 2.14 21.12
N ARG A 54 18.55 1.28 21.18
CA ARG A 54 18.60 0.10 22.03
C ARG A 54 18.74 0.63 23.47
N THR A 55 17.80 0.26 24.36
CA THR A 55 17.82 0.73 25.75
C THR A 55 19.03 0.15 26.52
N SER A 56 19.42 -1.10 26.22
CA SER A 56 20.53 -1.78 26.87
C SER A 56 21.89 -1.57 26.18
N HIS A 57 22.99 -1.82 26.93
CA HIS A 57 24.35 -1.79 26.39
C HIS A 57 24.70 -3.14 25.73
N SER A 58 23.86 -4.17 25.95
CA SER A 58 24.05 -5.53 25.41
C SER A 58 23.19 -5.83 24.19
N LYS A 59 23.77 -6.51 23.16
CA LYS A 59 23.01 -6.92 21.97
C LYS A 59 22.16 -8.18 22.26
N ASP A 60 22.24 -8.74 23.50
CA ASP A 60 21.41 -9.86 23.95
C ASP A 60 19.98 -9.36 24.22
N ASP A 61 19.81 -8.03 24.39
CA ASP A 61 18.56 -7.34 24.71
C ASP A 61 18.13 -6.50 23.50
N ALA A 62 17.08 -6.96 22.82
CA ALA A 62 16.53 -6.37 21.60
C ALA A 62 15.68 -5.13 21.85
N ALA A 63 15.22 -4.93 23.10
CA ALA A 63 14.33 -3.82 23.48
C ALA A 63 14.82 -2.44 23.06
N THR A 64 13.89 -1.61 22.58
CA THR A 64 14.20 -0.26 22.12
C THR A 64 13.26 0.79 22.68
N ASP A 65 13.63 2.06 22.59
CA ASP A 65 12.80 3.22 22.97
C ASP A 65 13.15 4.38 22.05
N TRP A 66 12.45 5.49 22.16
CA TRP A 66 12.66 6.65 21.31
C TRP A 66 12.47 7.97 22.04
N LYS A 67 13.04 9.03 21.46
CA LYS A 67 12.91 10.41 21.91
C LYS A 67 12.79 11.27 20.67
N TRP A 68 12.07 12.39 20.78
CA TRP A 68 11.97 13.38 19.70
C TRP A 68 13.34 14.05 19.54
N ALA A 69 13.79 14.25 18.29
CA ALA A 69 15.06 14.91 18.00
C ALA A 69 14.95 16.37 18.43
N LYS A 70 16.00 16.89 19.09
CA LYS A 70 16.05 18.27 19.55
C LYS A 70 17.33 18.91 19.05
N ASN A 71 17.38 20.23 19.09
CA ASN A 71 18.57 21.00 18.78
C ASN A 71 19.28 21.20 20.14
N GLN A 72 20.57 21.61 20.10
CA GLN A 72 21.37 21.87 21.31
C GLN A 72 20.74 22.86 22.28
N ASP A 73 19.99 23.86 21.77
CA ASP A 73 19.31 24.84 22.60
C ASP A 73 18.00 24.32 23.26
N GLY A 74 17.63 23.07 22.97
CA GLY A 74 16.44 22.44 23.50
C GLY A 74 15.19 22.61 22.66
N SER A 75 15.30 23.37 21.54
CA SER A 75 14.19 23.59 20.61
C SER A 75 13.95 22.30 19.78
N ASP A 76 12.71 22.14 19.23
CA ASP A 76 12.37 20.98 18.41
C ASP A 76 13.15 20.96 17.12
N PHE A 77 13.72 19.79 16.78
CA PHE A 77 14.42 19.61 15.52
C PHE A 77 13.37 19.28 14.45
N THR A 78 13.25 20.16 13.46
CA THR A 78 12.32 19.90 12.37
C THR A 78 13.11 19.69 11.06
N ILE A 79 12.52 18.95 10.14
CA ILE A 79 13.07 18.75 8.80
C ILE A 79 12.03 19.25 7.81
N ASP A 80 12.47 20.05 6.85
CA ASP A 80 11.63 20.61 5.79
C ASP A 80 11.57 19.66 4.60
N GLY A 81 10.44 19.62 3.94
CA GLY A 81 10.31 18.78 2.76
C GLY A 81 8.89 18.47 2.38
N TYR A 82 8.69 17.34 1.69
CA TYR A 82 7.38 16.95 1.21
C TYR A 82 7.11 15.46 1.39
N TRP A 83 5.83 15.13 1.52
CA TRP A 83 5.35 13.77 1.68
C TRP A 83 4.86 13.24 0.36
N TRP A 84 4.97 11.93 0.17
CA TRP A 84 4.39 11.25 -0.98
C TRP A 84 4.22 9.77 -0.70
N SER A 85 3.09 9.21 -1.11
CA SER A 85 2.79 7.78 -1.00
C SER A 85 2.21 7.32 -2.35
N SER A 86 2.49 6.07 -2.70
CA SER A 86 1.90 5.51 -3.90
C SER A 86 0.49 5.05 -3.50
N VAL A 87 -0.13 4.18 -4.26
CA VAL A 87 -1.44 3.66 -3.87
C VAL A 87 -1.28 2.72 -2.61
N SER A 88 -0.01 2.31 -2.29
CA SER A 88 0.37 1.49 -1.13
C SER A 88 0.08 2.20 0.21
N PHE A 89 -0.06 3.54 0.14
CA PHE A 89 -0.34 4.45 1.26
C PHE A 89 0.79 4.47 2.34
N LYS A 90 1.99 3.91 1.99
CA LYS A 90 3.22 3.92 2.78
C LYS A 90 3.88 5.30 2.49
N ASN A 91 3.84 6.19 3.46
CA ASN A 91 4.24 7.57 3.25
C ASN A 91 5.71 7.84 3.51
N MET A 92 6.42 8.38 2.49
CA MET A 92 7.83 8.73 2.61
C MET A 92 8.00 10.26 2.67
N PHE A 93 8.92 10.73 3.52
CA PHE A 93 9.20 12.16 3.63
C PHE A 93 10.51 12.43 2.93
N TYR A 94 10.51 13.36 1.98
CA TYR A 94 11.69 13.75 1.21
C TYR A 94 12.19 15.09 1.73
N THR A 95 13.45 15.13 2.17
CA THR A 95 14.07 16.33 2.73
C THR A 95 15.42 16.63 2.09
N ASN A 96 15.85 17.90 2.15
CA ASN A 96 17.16 18.28 1.66
C ASN A 96 18.21 18.03 2.74
N THR A 97 17.76 17.82 3.99
CA THR A 97 18.65 17.59 5.12
C THR A 97 19.30 16.23 4.94
N SER A 98 20.64 16.17 5.05
CA SER A 98 21.35 14.91 4.89
C SER A 98 21.06 13.95 6.04
N GLN A 99 21.24 12.65 5.79
CA GLN A 99 21.09 11.58 6.78
C GLN A 99 22.13 11.77 7.89
N ASN A 100 23.34 12.27 7.57
CA ASN A 100 24.40 12.56 8.55
C ASN A 100 23.98 13.62 9.55
N VAL A 101 23.32 14.70 9.07
CA VAL A 101 22.82 15.78 9.94
C VAL A 101 21.73 15.23 10.88
N ILE A 102 20.81 14.41 10.36
CA ILE A 102 19.71 13.81 11.15
C ILE A 102 20.28 12.85 12.21
N ARG A 103 21.19 11.93 11.79
CA ARG A 103 21.85 11.00 12.70
C ARG A 103 22.56 11.74 13.84
N GLN A 104 23.35 12.78 13.49
CA GLN A 104 24.11 13.63 14.43
C GLN A 104 23.18 14.27 15.44
N ARG A 105 22.01 14.76 15.00
CA ARG A 105 21.00 15.33 15.89
C ARG A 105 20.44 14.32 16.87
N CYS A 106 20.15 13.08 16.38
CA CYS A 106 19.66 11.97 17.21
C CYS A 106 20.73 11.57 18.24
N GLU A 107 22.01 11.40 17.80
CA GLU A 107 23.13 11.04 18.67
C GLU A 107 23.30 12.06 19.80
N GLU A 108 23.25 13.36 19.47
CA GLU A 108 23.38 14.49 20.42
C GLU A 108 22.12 14.69 21.27
N THR A 109 20.91 14.35 20.72
CA THR A 109 19.68 14.47 21.52
C THR A 109 19.67 13.37 22.59
N LEU A 110 19.96 12.13 22.17
CA LEU A 110 19.93 10.98 23.05
C LEU A 110 21.06 11.00 24.04
N ASP A 111 22.24 11.49 23.61
CA ASP A 111 23.47 11.63 24.38
C ASP A 111 23.73 10.39 25.22
N LEU A 112 23.94 9.27 24.54
CA LEU A 112 24.17 7.99 25.18
C LEU A 112 25.66 7.74 25.22
N ALA A 113 26.08 6.80 26.07
CA ALA A 113 27.45 6.35 26.19
C ALA A 113 27.34 4.88 25.80
N ASN A 114 26.55 4.62 24.75
CA ASN A 114 26.24 3.27 24.32
C ASN A 114 26.71 2.98 22.91
N GLU A 115 27.75 2.14 22.83
CA GLU A 115 28.32 1.71 21.56
C GLU A 115 27.35 0.81 20.82
N ASN A 116 26.36 0.24 21.56
CA ASN A 116 25.32 -0.63 20.97
C ASN A 116 23.96 0.05 20.94
N ALA A 117 23.92 1.39 21.02
CA ALA A 117 22.66 2.13 20.96
C ALA A 117 21.95 1.83 19.64
N ASP A 118 22.73 1.55 18.57
CA ASP A 118 22.21 1.18 17.24
C ASP A 118 21.04 2.07 16.81
N ILE A 119 21.32 3.40 16.81
CA ILE A 119 20.32 4.44 16.50
C ILE A 119 19.77 4.34 15.08
N THR A 120 18.44 4.46 14.96
CA THR A 120 17.72 4.55 13.69
C THR A 120 16.75 5.71 13.90
N PHE A 121 16.29 6.32 12.80
CA PHE A 121 15.42 7.50 12.89
C PHE A 121 14.37 7.48 11.80
N PHE A 122 13.25 8.16 12.06
CA PHE A 122 12.09 8.24 11.17
C PHE A 122 11.41 9.58 11.28
N ALA A 123 10.67 9.95 10.23
CA ALA A 123 9.86 11.17 10.22
C ALA A 123 8.54 10.83 10.90
N ALA A 124 8.03 11.76 11.73
CA ALA A 124 6.76 11.57 12.45
C ALA A 124 6.25 12.93 12.90
N ASP A 125 4.97 13.22 12.59
CA ASP A 125 4.34 14.49 12.97
C ASP A 125 4.03 14.54 14.48
N ASN A 126 3.54 13.44 15.05
CA ASN A 126 3.18 13.39 16.46
C ASN A 126 3.21 11.96 17.01
N ARG A 127 2.72 11.77 18.25
CA ARG A 127 2.71 10.49 18.97
C ARG A 127 1.93 9.40 18.27
N TYR A 128 0.90 9.76 17.49
CA TYR A 128 0.10 8.81 16.73
C TYR A 128 0.74 8.35 15.42
N SER A 129 1.75 9.07 14.93
CA SER A 129 2.37 8.76 13.65
C SER A 129 3.15 7.45 13.66
N TYR A 130 3.16 6.77 12.49
CA TYR A 130 3.92 5.55 12.25
C TYR A 130 5.37 5.94 12.00
N ASN A 131 6.28 4.97 11.85
CA ASN A 131 7.69 5.26 11.56
C ASN A 131 7.84 5.45 10.06
N HIS A 132 7.94 6.71 9.60
CA HIS A 132 8.06 7.00 8.16
C HIS A 132 9.53 7.15 7.76
N THR A 133 9.93 6.47 6.67
CA THR A 133 11.29 6.57 6.15
C THR A 133 11.53 7.97 5.61
N ILE A 134 12.71 8.48 5.88
CA ILE A 134 13.16 9.80 5.42
C ILE A 134 14.08 9.54 4.24
N TRP A 135 13.77 10.16 3.10
CA TRP A 135 14.64 10.12 1.95
C TRP A 135 15.36 11.46 1.88
N SER A 136 16.71 11.46 1.92
CA SER A 136 17.46 12.70 1.80
C SER A 136 17.78 12.90 0.33
N ASN A 137 17.22 13.95 -0.27
CA ASN A 137 17.43 14.27 -1.67
C ASN A 137 18.91 14.60 -1.94
N ASP A 138 19.43 14.11 -3.07
CA ASP A 138 20.82 14.36 -3.45
C ASP A 138 21.01 15.78 -3.98
N ALA A 139 22.29 16.22 -4.01
CA ALA A 139 22.70 17.50 -4.57
C ALA A 139 22.77 17.31 -6.10
N ALA A 140 22.47 18.36 -6.87
CA ALA A 140 22.50 18.30 -8.33
C ALA A 140 23.86 18.00 -8.91
N MET A 141 24.94 18.49 -8.29
CA MET A 141 26.28 18.31 -8.82
C MET A 141 27.10 17.24 -8.09
N GLN A 142 26.41 16.19 -7.62
CA GLN A 142 26.98 15.02 -6.94
C GLN A 142 28.06 14.36 -7.83
N PRO A 143 29.22 13.94 -7.28
CA PRO A 143 30.25 13.29 -8.11
C PRO A 143 29.85 11.88 -8.55
N ASP A 144 30.55 11.33 -9.56
CA ASP A 144 30.28 9.97 -10.04
C ASP A 144 30.87 8.98 -9.02
N GLN A 145 30.05 8.63 -8.02
CA GLN A 145 30.43 7.74 -6.93
C GLN A 145 29.17 7.26 -6.23
N ILE A 146 29.21 6.05 -5.66
CA ILE A 146 28.10 5.47 -4.89
C ILE A 146 27.82 6.40 -3.71
N ASN A 147 26.56 6.82 -3.53
CA ASN A 147 26.20 7.72 -2.44
C ASN A 147 24.97 7.21 -1.66
N LYS A 148 24.52 5.98 -1.96
CA LYS A 148 23.38 5.34 -1.29
C LYS A 148 23.29 3.85 -1.60
N VAL A 149 22.62 3.12 -0.72
CA VAL A 149 22.36 1.71 -0.85
C VAL A 149 20.84 1.49 -0.91
N VAL A 150 20.37 0.74 -1.92
CA VAL A 150 18.95 0.35 -2.06
C VAL A 150 18.93 -1.19 -1.93
N ALA A 151 18.22 -1.70 -0.91
CA ALA A 151 18.17 -3.15 -0.67
C ALA A 151 16.85 -3.75 -1.08
N LEU A 152 16.89 -4.92 -1.73
CA LEU A 152 15.74 -5.69 -2.15
C LEU A 152 15.93 -7.06 -1.63
N GLY A 153 14.84 -7.64 -1.12
CA GLY A 153 14.94 -9.00 -0.60
C GLY A 153 13.90 -9.41 0.43
N ASP A 154 14.32 -10.26 1.36
CA ASP A 154 13.41 -10.84 2.38
C ASP A 154 13.83 -10.48 3.83
N SER A 155 13.51 -11.35 4.84
CA SER A 155 13.84 -11.07 6.24
C SER A 155 15.34 -10.98 6.50
N LEU A 156 16.17 -11.40 5.53
CA LEU A 156 17.62 -11.25 5.69
C LEU A 156 18.02 -9.78 5.46
N SER A 157 17.14 -8.95 4.84
CA SER A 157 17.40 -7.52 4.56
C SER A 157 16.31 -6.58 5.11
N ASP A 158 15.23 -7.12 5.68
CA ASP A 158 14.17 -6.23 6.16
C ASP A 158 14.60 -5.43 7.40
N THR A 159 14.46 -4.10 7.33
CA THR A 159 14.80 -3.23 8.45
C THR A 159 13.56 -2.71 9.21
N GLY A 160 12.37 -3.16 8.85
CA GLY A 160 11.15 -2.74 9.57
C GLY A 160 9.88 -2.53 8.80
N ASN A 161 9.85 -3.01 7.54
CA ASN A 161 8.72 -2.81 6.66
C ASN A 161 7.42 -3.44 7.18
N ILE A 162 7.45 -4.44 8.01
CA ILE A 162 6.19 -5.04 8.48
C ILE A 162 5.72 -4.42 9.79
N PHE A 163 6.69 -3.85 10.50
CA PHE A 163 6.54 -3.41 11.84
C PHE A 163 5.41 -2.34 12.03
N ASN A 164 5.27 -1.28 11.15
CA ASN A 164 4.14 -0.30 11.28
C ASN A 164 2.79 -0.97 11.05
N ALA A 165 2.72 -1.83 10.00
CA ALA A 165 1.48 -2.55 9.62
C ALA A 165 0.96 -3.38 10.78
N SER A 166 1.89 -3.86 11.63
CA SER A 166 1.54 -4.71 12.76
C SER A 166 1.27 -3.91 14.04
N GLN A 167 1.22 -2.56 13.92
CA GLN A 167 1.01 -1.60 15.03
C GLN A 167 2.14 -1.73 16.07
N TRP A 168 3.37 -2.00 15.57
CA TRP A 168 4.60 -2.16 16.35
C TRP A 168 4.55 -3.34 17.34
N ARG A 169 3.78 -4.38 17.02
CA ARG A 169 3.62 -5.55 17.90
C ARG A 169 4.29 -6.81 17.33
N PHE A 170 4.53 -6.81 16.00
CA PHE A 170 5.14 -7.94 15.30
C PHE A 170 6.34 -7.53 14.39
N PRO A 171 7.53 -8.19 14.48
CA PRO A 171 7.92 -9.12 15.55
C PRO A 171 7.96 -8.37 16.90
N ASN A 172 7.61 -9.05 18.04
CA ASN A 172 7.52 -8.47 19.39
C ASN A 172 8.76 -7.64 19.67
N PRO A 173 8.61 -6.30 19.91
CA PRO A 173 9.79 -5.44 20.08
C PRO A 173 10.65 -5.72 21.31
N ASN A 174 10.26 -6.67 22.18
CA ASN A 174 11.12 -7.01 23.32
C ASN A 174 12.13 -8.10 22.95
N SER A 175 11.84 -8.96 21.97
CA SER A 175 12.76 -10.05 21.57
C SER A 175 13.32 -9.95 20.15
N TRP A 176 12.85 -8.98 19.36
CA TRP A 176 13.32 -8.69 18.00
C TRP A 176 13.56 -7.22 17.90
N PHE A 177 14.73 -6.83 17.39
CA PHE A 177 15.15 -5.44 17.33
C PHE A 177 14.32 -4.55 16.38
N LEU A 178 13.42 -3.73 16.93
CA LEU A 178 12.59 -2.76 16.20
C LEU A 178 12.28 -3.15 14.73
N GLY A 179 11.46 -4.17 14.55
CA GLY A 179 11.02 -4.62 13.23
C GLY A 179 12.05 -5.38 12.39
N HIS A 180 13.26 -5.61 12.91
CA HIS A 180 14.29 -6.39 12.23
C HIS A 180 14.09 -7.83 12.74
N PHE A 181 14.17 -8.83 11.86
CA PHE A 181 14.04 -10.23 12.30
C PHE A 181 15.44 -10.71 12.79
N SER A 182 15.95 -10.08 13.89
CA SER A 182 17.27 -10.34 14.50
C SER A 182 17.34 -9.56 15.81
N ASN A 183 18.48 -9.61 16.52
CA ASN A 183 18.71 -8.87 17.78
C ASN A 183 19.38 -7.51 17.52
N GLY A 184 19.51 -7.14 16.26
CA GLY A 184 20.13 -5.88 15.87
C GLY A 184 20.09 -5.66 14.37
N PHE A 185 21.08 -4.91 13.86
CA PHE A 185 21.18 -4.59 12.44
C PHE A 185 21.30 -5.82 11.55
N VAL A 186 20.86 -5.68 10.29
CA VAL A 186 21.01 -6.75 9.30
C VAL A 186 22.24 -6.41 8.46
N TRP A 187 22.68 -7.35 7.60
CA TRP A 187 23.89 -7.19 6.79
C TRP A 187 23.96 -5.91 5.94
N THR A 188 22.84 -5.48 5.33
CA THR A 188 22.79 -4.29 4.48
C THR A 188 23.07 -3.04 5.29
N GLU A 189 22.59 -2.99 6.55
CA GLU A 189 22.82 -1.86 7.44
C GLU A 189 24.28 -1.77 7.83
N TYR A 190 24.95 -2.90 8.03
CA TYR A 190 26.39 -2.91 8.32
C TYR A 190 27.21 -2.49 7.11
N VAL A 191 26.81 -2.89 5.89
CA VAL A 191 27.51 -2.51 4.64
C VAL A 191 27.41 -0.97 4.47
N ALA A 192 26.16 -0.44 4.52
CA ALA A 192 25.88 0.99 4.42
C ALA A 192 26.63 1.80 5.49
N LYS A 193 26.61 1.34 6.76
CA LYS A 193 27.30 2.01 7.86
C LYS A 193 28.81 2.03 7.70
N ALA A 194 29.39 0.92 7.23
CA ALA A 194 30.84 0.81 7.00
C ALA A 194 31.32 1.83 5.96
N LYS A 195 30.48 2.12 4.95
CA LYS A 195 30.79 3.07 3.89
C LYS A 195 30.19 4.46 4.12
N ASN A 196 29.54 4.67 5.30
CA ASN A 196 28.85 5.91 5.71
C ASN A 196 27.77 6.33 4.66
N LEU A 197 26.99 5.36 4.18
CA LEU A 197 25.98 5.64 3.18
C LEU A 197 24.56 5.49 3.69
N PRO A 198 23.61 6.31 3.22
CA PRO A 198 22.19 6.05 3.56
C PRO A 198 21.73 4.71 2.96
N LEU A 199 20.81 4.03 3.66
CA LEU A 199 20.27 2.77 3.21
C LEU A 199 18.77 2.92 3.09
N TYR A 200 18.23 2.63 1.92
CA TYR A 200 16.76 2.69 1.68
C TYR A 200 16.30 1.29 1.37
N ASN A 201 15.42 0.79 2.22
CA ASN A 201 14.98 -0.60 2.17
C ASN A 201 13.57 -0.83 1.68
N TRP A 202 13.42 -1.82 0.81
CA TRP A 202 12.13 -2.26 0.32
C TRP A 202 11.88 -3.74 0.70
N ALA A 203 12.88 -4.42 1.32
CA ALA A 203 12.81 -5.84 1.67
C ALA A 203 11.74 -6.16 2.74
N VAL A 204 11.10 -7.37 2.62
CA VAL A 204 10.07 -8.03 3.46
C VAL A 204 10.08 -9.54 3.16
N GLY A 205 10.17 -10.37 4.20
CA GLY A 205 10.15 -11.83 4.11
C GLY A 205 8.76 -12.47 4.23
N GLY A 206 8.72 -13.76 4.51
CA GLY A 206 7.47 -14.50 4.67
C GLY A 206 7.48 -15.63 5.69
N ALA A 207 8.67 -16.06 6.17
CA ALA A 207 8.84 -17.21 7.10
C ALA A 207 8.30 -16.99 8.51
N ALA A 208 8.06 -15.74 8.89
CA ALA A 208 7.56 -15.34 10.21
C ALA A 208 6.05 -15.04 10.17
N GLY A 209 5.40 -15.23 9.02
CA GLY A 209 3.99 -14.92 8.84
C GLY A 209 3.77 -13.47 8.47
N GLU A 210 4.79 -12.82 7.86
CA GLU A 210 4.74 -11.40 7.43
C GLU A 210 3.57 -11.11 6.53
N ASN A 211 3.24 -12.06 5.63
CA ASN A 211 2.17 -11.87 4.65
C ASN A 211 0.77 -11.83 5.26
N GLN A 212 0.66 -11.94 6.60
CA GLN A 212 -0.59 -11.75 7.33
C GLN A 212 -0.77 -10.23 7.58
N TYR A 213 0.30 -9.40 7.37
CA TYR A 213 0.31 -7.94 7.64
C TYR A 213 0.50 -7.06 6.40
N ILE A 214 1.28 -7.54 5.43
CA ILE A 214 1.54 -6.83 4.18
C ILE A 214 1.29 -7.79 3.03
N ALA A 215 0.63 -7.27 2.00
CA ALA A 215 0.29 -8.01 0.81
C ALA A 215 1.51 -8.21 -0.10
N LEU A 216 1.84 -7.15 -0.89
CA LEU A 216 2.86 -7.10 -1.94
C LEU A 216 4.30 -7.14 -1.40
N THR A 217 4.83 -8.37 -1.24
CA THR A 217 6.17 -8.65 -0.69
C THR A 217 7.17 -9.27 -1.71
N GLY A 218 6.69 -9.57 -2.94
CA GLY A 218 7.51 -10.15 -3.99
C GLY A 218 8.61 -9.21 -4.48
N VAL A 219 9.67 -9.76 -5.10
CA VAL A 219 10.76 -8.94 -5.63
C VAL A 219 10.26 -7.96 -6.72
N GLY A 220 9.27 -8.40 -7.48
CA GLY A 220 8.66 -7.60 -8.56
C GLY A 220 7.97 -6.39 -8.00
N GLU A 221 7.22 -6.58 -6.91
CA GLU A 221 6.55 -5.48 -6.20
C GLU A 221 7.56 -4.52 -5.55
N GLN A 222 8.73 -5.05 -5.12
CA GLN A 222 9.77 -4.21 -4.49
C GLN A 222 10.42 -3.34 -5.54
N VAL A 223 10.77 -3.93 -6.71
CA VAL A 223 11.31 -3.14 -7.84
C VAL A 223 10.29 -2.01 -8.24
N SER A 224 8.98 -2.35 -8.35
CA SER A 224 7.90 -1.38 -8.73
C SER A 224 7.84 -0.23 -7.73
N SER A 225 7.93 -0.58 -6.45
CA SER A 225 7.91 0.39 -5.37
C SER A 225 9.16 1.28 -5.47
N TYR A 226 10.36 0.69 -5.64
CA TYR A 226 11.60 1.46 -5.77
C TYR A 226 11.46 2.47 -6.96
N LEU A 227 10.97 2.00 -8.13
CA LEU A 227 10.81 2.81 -9.34
C LEU A 227 9.81 3.93 -9.18
N THR A 228 8.79 3.75 -8.31
CA THR A 228 7.75 4.75 -8.06
C THR A 228 8.24 5.85 -7.12
N TYR A 229 8.76 5.48 -5.94
CA TYR A 229 9.22 6.45 -4.94
C TYR A 229 10.44 7.27 -5.39
N THR A 230 11.33 6.70 -6.22
CA THR A 230 12.49 7.46 -6.68
C THR A 230 12.14 8.50 -7.76
N LYS A 231 10.94 8.41 -8.41
CA LYS A 231 10.53 9.46 -9.37
C LYS A 231 10.25 10.77 -8.60
N LEU A 232 9.90 10.65 -7.30
CA LEU A 232 9.57 11.81 -6.48
C LEU A 232 10.81 12.51 -5.90
N ALA A 233 11.92 11.79 -5.88
CA ALA A 233 13.19 12.27 -5.38
C ALA A 233 13.76 13.33 -6.32
N LYS A 234 14.54 14.27 -5.77
CA LYS A 234 15.17 15.35 -6.55
C LYS A 234 16.62 14.97 -6.82
N ASN A 235 17.12 15.34 -8.02
CA ASN A 235 18.48 15.07 -8.48
C ASN A 235 18.87 13.59 -8.35
N TYR A 236 17.92 12.68 -8.58
CA TYR A 236 18.19 11.26 -8.46
C TYR A 236 18.93 10.70 -9.64
N ASN A 237 20.12 10.16 -9.39
CA ASN A 237 20.92 9.53 -10.42
C ASN A 237 21.04 8.04 -10.07
N PRO A 238 20.31 7.15 -10.78
CA PRO A 238 20.36 5.71 -10.44
C PRO A 238 21.75 5.07 -10.55
N ALA A 239 22.65 5.62 -11.36
CA ALA A 239 24.03 5.11 -11.48
C ALA A 239 24.85 5.24 -10.17
N ASN A 240 24.41 6.12 -9.23
CA ASN A 240 25.09 6.35 -7.95
C ASN A 240 24.50 5.52 -6.79
N THR A 241 23.61 4.57 -7.12
CA THR A 241 22.99 3.68 -6.14
C THR A 241 23.70 2.33 -6.14
N LEU A 242 23.99 1.79 -4.96
CA LEU A 242 24.48 0.43 -4.85
C LEU A 242 23.25 -0.41 -4.53
N PHE A 243 22.87 -1.35 -5.43
CA PHE A 243 21.70 -2.21 -5.22
C PHE A 243 22.16 -3.51 -4.58
N THR A 244 21.46 -3.97 -3.54
CA THR A 244 21.71 -5.28 -2.95
C THR A 244 20.47 -6.13 -3.23
N LEU A 245 20.69 -7.41 -3.56
CA LEU A 245 19.57 -8.29 -3.88
C LEU A 245 19.81 -9.68 -3.37
N GLU A 246 18.86 -10.18 -2.58
CA GLU A 246 18.84 -11.55 -2.08
C GLU A 246 17.42 -11.98 -1.96
N PHE A 247 17.12 -12.98 -2.78
CA PHE A 247 15.76 -13.44 -2.97
C PHE A 247 15.73 -14.93 -3.40
N GLY A 248 14.68 -15.60 -2.97
CA GLY A 248 14.38 -16.99 -3.31
C GLY A 248 14.03 -17.88 -2.15
N LEU A 249 14.61 -17.63 -0.95
CA LEU A 249 14.35 -18.49 0.21
C LEU A 249 12.91 -18.46 0.65
N ASN A 250 12.28 -17.27 0.64
CA ASN A 250 10.87 -17.10 1.00
C ASN A 250 10.00 -17.98 0.10
N ASP A 251 10.24 -17.87 -1.22
CA ASP A 251 9.55 -18.65 -2.26
C ASP A 251 9.68 -20.15 -2.07
N PHE A 252 10.91 -20.64 -1.85
CA PHE A 252 11.17 -22.07 -1.65
C PHE A 252 10.71 -22.59 -0.27
N MET A 253 10.92 -21.82 0.83
CA MET A 253 10.55 -22.26 2.19
C MET A 253 9.06 -22.18 2.50
N ASN A 254 8.40 -21.07 2.10
CA ASN A 254 7.03 -20.76 2.51
C ASN A 254 5.95 -20.95 1.44
N TYR A 255 6.30 -20.85 0.14
CA TYR A 255 5.28 -20.94 -0.90
C TYR A 255 5.47 -22.13 -1.87
N ASN A 256 6.44 -23.02 -1.59
CA ASN A 256 6.76 -24.21 -2.40
C ASN A 256 6.81 -23.87 -3.93
N ARG A 257 7.36 -22.67 -4.26
CA ARG A 257 7.45 -22.19 -5.64
C ARG A 257 8.49 -22.98 -6.40
N SER A 258 8.28 -23.15 -7.72
CA SER A 258 9.20 -23.91 -8.56
C SER A 258 10.49 -23.10 -8.79
N VAL A 259 11.60 -23.81 -9.05
CA VAL A 259 12.88 -23.18 -9.36
C VAL A 259 12.69 -22.26 -10.62
N PRO A 260 12.07 -22.69 -11.74
CA PRO A 260 11.93 -21.78 -12.89
C PRO A 260 11.15 -20.49 -12.60
N GLU A 261 10.12 -20.55 -11.74
CA GLU A 261 9.32 -19.39 -11.34
C GLU A 261 10.22 -18.35 -10.63
N VAL A 262 11.09 -18.82 -9.73
CA VAL A 262 11.95 -17.95 -8.93
C VAL A 262 13.08 -17.42 -9.81
N LYS A 263 13.61 -18.29 -10.70
CA LYS A 263 14.65 -17.91 -11.66
C LYS A 263 14.16 -16.75 -12.52
N ALA A 264 12.94 -16.88 -13.07
CA ALA A 264 12.32 -15.87 -13.92
C ALA A 264 12.06 -14.54 -13.21
N ASP A 265 11.61 -14.59 -11.96
CA ASP A 265 11.39 -13.37 -11.18
C ASP A 265 12.71 -12.67 -10.88
N TYR A 266 13.77 -13.44 -10.61
CA TYR A 266 15.08 -12.87 -10.31
C TYR A 266 15.63 -12.20 -11.57
N ALA A 267 15.56 -12.90 -12.75
CA ALA A 267 16.02 -12.34 -14.02
C ALA A 267 15.27 -11.05 -14.34
N GLU A 268 13.94 -11.06 -14.11
CA GLU A 268 13.06 -9.90 -14.35
C GLU A 268 13.45 -8.69 -13.47
N ALA A 269 13.74 -8.92 -12.18
CA ALA A 269 14.18 -7.83 -11.30
C ALA A 269 15.42 -7.14 -11.86
N LEU A 270 16.44 -7.93 -12.30
CA LEU A 270 17.67 -7.37 -12.88
C LEU A 270 17.41 -6.67 -14.23
N ILE A 271 16.52 -7.25 -15.07
CA ILE A 271 16.17 -6.60 -16.36
C ILE A 271 15.55 -5.22 -16.07
N ARG A 272 14.58 -5.18 -15.15
CA ARG A 272 13.86 -3.95 -14.83
C ARG A 272 14.77 -2.88 -14.23
N LEU A 273 15.65 -3.29 -13.29
CA LEU A 273 16.57 -2.35 -12.63
C LEU A 273 17.59 -1.79 -13.60
N THR A 274 18.24 -2.64 -14.40
CA THR A 274 19.23 -2.21 -15.39
C THR A 274 18.60 -1.34 -16.47
N ASP A 275 17.35 -1.64 -16.91
CA ASP A 275 16.67 -0.80 -17.89
C ASP A 275 16.34 0.57 -17.31
N ALA A 276 16.24 0.67 -15.98
CA ALA A 276 15.98 1.91 -15.25
C ALA A 276 17.25 2.62 -14.76
N GLY A 277 18.40 2.29 -15.33
CA GLY A 277 19.67 2.95 -15.03
C GLY A 277 20.53 2.40 -13.90
N ALA A 278 20.16 1.25 -13.33
CA ALA A 278 20.96 0.63 -12.27
C ALA A 278 22.26 0.09 -12.88
N LYS A 279 23.41 0.36 -12.23
CA LYS A 279 24.72 -0.02 -12.76
C LYS A 279 25.57 -0.82 -11.78
N ASN A 280 25.24 -0.75 -10.49
CA ASN A 280 26.03 -1.32 -9.41
C ASN A 280 25.23 -2.27 -8.56
N PHE A 281 25.69 -3.53 -8.47
CA PHE A 281 24.97 -4.54 -7.70
C PHE A 281 25.84 -5.40 -6.81
N MET A 282 25.32 -5.70 -5.62
CA MET A 282 25.88 -6.69 -4.71
C MET A 282 24.93 -7.86 -4.80
N LEU A 283 25.37 -8.94 -5.44
CA LEU A 283 24.54 -10.14 -5.58
C LEU A 283 25.11 -11.26 -4.71
N MET A 284 24.23 -12.11 -4.22
CA MET A 284 24.74 -13.21 -3.38
C MET A 284 24.02 -14.50 -3.64
N THR A 285 24.75 -15.61 -3.46
CA THR A 285 24.15 -16.94 -3.54
C THR A 285 23.37 -17.12 -2.24
N LEU A 286 22.37 -18.00 -2.23
CA LEU A 286 21.53 -18.17 -1.05
C LEU A 286 22.15 -19.17 -0.10
N PRO A 287 22.19 -18.88 1.21
CA PRO A 287 22.71 -19.88 2.17
C PRO A 287 21.73 -21.06 2.23
N ASP A 288 22.21 -22.24 2.56
CA ASP A 288 21.30 -23.37 2.70
C ASP A 288 20.47 -23.17 4.00
N ALA A 289 19.24 -22.62 3.83
CA ALA A 289 18.27 -22.34 4.90
C ALA A 289 17.88 -23.59 5.68
N THR A 290 18.04 -24.79 5.10
CA THR A 290 17.71 -26.03 5.81
C THR A 290 18.64 -26.28 7.01
N LYS A 291 19.76 -25.51 7.13
CA LYS A 291 20.67 -25.61 8.29
C LYS A 291 20.11 -24.79 9.47
N ALA A 292 19.01 -24.02 9.27
CA ALA A 292 18.37 -23.24 10.34
C ALA A 292 17.65 -24.16 11.39
N PRO A 293 17.52 -23.75 12.69
CA PRO A 293 16.85 -24.61 13.70
C PRO A 293 15.43 -25.05 13.39
N GLN A 294 14.65 -24.25 12.63
CA GLN A 294 13.26 -24.65 12.31
C GLN A 294 13.21 -25.99 11.53
N PHE A 295 14.30 -26.35 10.79
CA PHE A 295 14.29 -27.61 10.05
C PHE A 295 14.55 -28.83 10.94
N LYS A 296 14.78 -28.64 12.24
CA LYS A 296 14.87 -29.77 13.18
C LYS A 296 13.45 -30.39 13.21
N TYR A 297 12.41 -29.54 13.04
CA TYR A 297 10.99 -29.90 13.11
C TYR A 297 10.35 -30.18 11.74
N SER A 298 11.17 -30.24 10.67
CA SER A 298 10.71 -30.50 9.31
C SER A 298 11.06 -31.92 8.94
N THR A 299 10.34 -32.49 7.98
CA THR A 299 10.62 -33.85 7.54
C THR A 299 11.84 -33.86 6.61
N GLN A 300 12.51 -35.01 6.49
CA GLN A 300 13.67 -35.24 5.63
C GLN A 300 13.34 -34.83 4.17
N GLU A 301 12.19 -35.30 3.67
CA GLU A 301 11.64 -34.99 2.35
C GLU A 301 11.55 -33.48 2.08
N GLU A 302 10.97 -32.71 3.03
CA GLU A 302 10.84 -31.24 2.94
C GLU A 302 12.25 -30.57 2.84
N ILE A 303 13.19 -31.02 3.71
CA ILE A 303 14.58 -30.52 3.76
C ILE A 303 15.30 -30.78 2.41
N GLU A 304 15.21 -32.02 1.91
CA GLU A 304 15.86 -32.41 0.66
C GLU A 304 15.33 -31.58 -0.53
N THR A 305 14.02 -31.33 -0.57
CA THR A 305 13.37 -30.52 -1.60
C THR A 305 13.93 -29.08 -1.60
N ILE A 306 13.88 -28.41 -0.43
CA ILE A 306 14.36 -27.01 -0.31
C ILE A 306 15.85 -26.90 -0.65
N ARG A 307 16.68 -27.82 -0.09
CA ARG A 307 18.13 -27.82 -0.33
C ARG A 307 18.46 -27.91 -1.85
N ALA A 308 17.78 -28.82 -2.56
CA ALA A 308 17.95 -29.03 -4.00
C ALA A 308 17.59 -27.76 -4.81
N LYS A 309 16.51 -27.09 -4.42
CA LYS A 309 16.07 -25.84 -5.05
C LYS A 309 17.10 -24.73 -4.86
N VAL A 310 17.70 -24.67 -3.65
CA VAL A 310 18.73 -23.69 -3.30
C VAL A 310 19.94 -23.87 -4.20
N LEU A 311 20.40 -25.11 -4.35
CA LEU A 311 21.56 -25.42 -5.19
C LEU A 311 21.33 -25.03 -6.66
N LYS A 312 20.14 -25.33 -7.20
CA LYS A 312 19.81 -24.96 -8.58
C LYS A 312 19.73 -23.44 -8.74
N MET A 313 19.12 -22.75 -7.76
CA MET A 313 19.01 -21.30 -7.81
C MET A 313 20.40 -20.66 -7.77
N ASN A 314 21.34 -21.21 -6.97
CA ASN A 314 22.68 -20.65 -6.81
C ASN A 314 23.50 -20.69 -8.10
N GLU A 315 23.34 -21.72 -8.92
CA GLU A 315 24.04 -21.80 -10.21
C GLU A 315 23.48 -20.74 -11.17
N PHE A 316 22.15 -20.49 -11.09
CA PHE A 316 21.47 -19.48 -11.89
C PHE A 316 21.94 -18.07 -11.49
N ILE A 317 22.04 -17.77 -10.15
CA ILE A 317 22.54 -16.49 -9.67
C ILE A 317 23.95 -16.25 -10.21
N LYS A 318 24.82 -17.26 -10.16
CA LYS A 318 26.19 -17.14 -10.67
C LYS A 318 26.18 -16.82 -12.16
N ALA A 319 25.30 -17.50 -12.93
CA ALA A 319 25.16 -17.26 -14.38
C ALA A 319 24.65 -15.83 -14.65
N GLN A 320 23.68 -15.35 -13.84
CA GLN A 320 23.16 -13.98 -13.98
C GLN A 320 24.23 -12.92 -13.68
N ALA A 321 25.02 -13.13 -12.60
CA ALA A 321 26.11 -12.25 -12.23
C ALA A 321 27.09 -12.09 -13.38
N MET A 322 27.48 -13.19 -14.03
CA MET A 322 28.42 -13.20 -15.16
C MET A 322 27.84 -12.55 -16.40
N TYR A 323 26.54 -12.78 -16.64
CA TYR A 323 25.80 -12.21 -17.76
C TYR A 323 25.87 -10.68 -17.71
N TYR A 324 25.58 -10.09 -16.52
CA TYR A 324 25.61 -8.63 -16.34
C TYR A 324 27.02 -8.08 -16.30
N LYS A 325 27.96 -8.83 -15.71
CA LYS A 325 29.37 -8.45 -15.70
C LYS A 325 29.94 -8.39 -17.15
N ALA A 326 29.57 -9.36 -18.02
CA ALA A 326 29.98 -9.40 -19.43
C ALA A 326 29.45 -8.20 -20.22
N GLN A 327 28.36 -7.60 -19.73
CA GLN A 327 27.73 -6.42 -20.34
C GLN A 327 28.28 -5.07 -19.81
N GLY A 328 29.25 -5.12 -18.88
CA GLY A 328 29.88 -3.91 -18.34
C GLY A 328 29.28 -3.35 -17.06
N TYR A 329 28.32 -4.06 -16.44
CA TYR A 329 27.74 -3.61 -15.18
C TYR A 329 28.70 -3.92 -14.03
N ASN A 330 28.62 -3.14 -12.93
CA ASN A 330 29.48 -3.36 -11.77
C ASN A 330 28.81 -4.35 -10.85
N ILE A 331 29.30 -5.61 -10.88
CA ILE A 331 28.70 -6.70 -10.13
C ILE A 331 29.68 -7.27 -9.15
N ALA A 332 29.28 -7.34 -7.89
CA ALA A 332 30.03 -8.02 -6.85
C ALA A 332 29.19 -9.27 -6.52
N LEU A 333 29.74 -10.48 -6.78
CA LEU A 333 29.02 -11.73 -6.47
C LEU A 333 29.69 -12.33 -5.26
N PHE A 334 28.92 -12.50 -4.16
CA PHE A 334 29.47 -13.08 -2.96
C PHE A 334 28.85 -14.44 -2.73
N ASP A 335 29.69 -15.44 -2.47
CA ASP A 335 29.18 -16.79 -2.28
C ASP A 335 28.82 -17.02 -0.82
N THR A 336 27.63 -16.53 -0.43
CA THR A 336 27.07 -16.67 0.92
C THR A 336 26.86 -18.15 1.25
N HIS A 337 26.44 -18.95 0.24
CA HIS A 337 26.23 -20.39 0.42
C HIS A 337 27.49 -21.07 0.95
N ALA A 338 28.64 -20.84 0.28
CA ALA A 338 29.92 -21.41 0.70
C ALA A 338 30.37 -20.92 2.08
N LEU A 339 30.17 -19.62 2.39
CA LEU A 339 30.53 -19.02 3.68
C LEU A 339 29.70 -19.66 4.79
N PHE A 340 28.40 -19.83 4.55
CA PHE A 340 27.48 -20.38 5.53
C PHE A 340 27.71 -21.87 5.79
N GLU A 341 28.14 -22.65 4.74
CA GLU A 341 28.50 -24.07 4.91
C GLU A 341 29.69 -24.15 5.87
N LYS A 342 30.68 -23.24 5.72
CA LYS A 342 31.87 -23.20 6.60
C LYS A 342 31.54 -22.76 8.03
N LEU A 343 30.69 -21.74 8.14
CA LEU A 343 30.25 -21.21 9.42
C LEU A 343 29.48 -22.26 10.25
N THR A 344 28.57 -23.01 9.60
CA THR A 344 27.75 -24.01 10.31
C THR A 344 28.51 -25.30 10.57
N SER A 345 29.52 -25.63 9.77
CA SER A 345 30.29 -26.86 10.01
C SER A 345 31.42 -26.68 11.04
N ALA A 346 31.98 -25.47 11.14
CA ALA A 346 33.03 -25.18 12.11
C ALA A 346 32.85 -23.75 12.66
N PRO A 347 31.81 -23.50 13.51
CA PRO A 347 31.63 -22.15 14.07
C PRO A 347 32.86 -21.65 14.82
N GLU A 348 33.56 -22.56 15.53
CA GLU A 348 34.73 -22.29 16.36
C GLU A 348 35.92 -21.77 15.55
N GLU A 349 35.87 -21.87 14.21
CA GLU A 349 36.91 -21.37 13.33
C GLU A 349 36.57 -19.96 12.85
N HIS A 350 35.39 -19.43 13.23
CA HIS A 350 34.90 -18.16 12.71
C HIS A 350 34.34 -17.17 13.78
N GLY A 351 34.66 -17.42 15.04
CA GLY A 351 34.25 -16.57 16.17
C GLY A 351 32.91 -16.90 16.81
N PHE A 352 32.40 -18.13 16.56
CA PHE A 352 31.11 -18.58 17.13
C PHE A 352 31.25 -19.86 17.94
N VAL A 353 30.31 -20.07 18.87
CA VAL A 353 30.29 -21.28 19.71
C VAL A 353 29.19 -22.23 19.27
N ASN A 354 28.06 -21.68 18.77
CA ASN A 354 26.91 -22.47 18.40
C ASN A 354 26.30 -22.03 17.07
N ALA A 355 26.17 -22.99 16.13
CA ALA A 355 25.56 -22.79 14.83
C ALA A 355 24.32 -23.65 14.61
N SER A 356 23.90 -24.45 15.64
CA SER A 356 22.77 -25.38 15.49
C SER A 356 21.47 -24.94 16.17
N ASP A 357 21.56 -24.21 17.30
CA ASP A 357 20.37 -23.77 18.06
C ASP A 357 20.10 -22.27 18.00
N PRO A 358 18.85 -21.82 18.23
CA PRO A 358 18.58 -20.38 18.30
C PRO A 358 19.14 -19.82 19.60
N CYS A 359 19.44 -18.51 19.62
CA CYS A 359 19.88 -17.87 20.87
C CYS A 359 18.65 -17.77 21.82
N LEU A 360 17.47 -17.49 21.25
CA LEU A 360 16.22 -17.43 22.04
C LEU A 360 15.76 -18.85 22.40
N ASP A 361 15.10 -19.01 23.57
CA ASP A 361 14.63 -20.32 24.02
C ASP A 361 13.32 -20.74 23.33
N ILE A 362 13.38 -20.90 21.99
CA ILE A 362 12.27 -21.31 21.12
C ILE A 362 12.64 -22.71 20.62
N ASN A 363 11.81 -23.70 20.97
CA ASN A 363 12.09 -25.10 20.69
C ASN A 363 11.01 -25.80 19.85
N ARG A 364 10.47 -25.04 18.90
CA ARG A 364 9.41 -25.43 17.97
C ARG A 364 9.38 -24.40 16.85
N SER A 365 8.61 -24.69 15.78
CA SER A 365 8.42 -23.76 14.68
C SER A 365 6.94 -23.36 14.61
N SER A 366 6.59 -22.24 15.23
CA SER A 366 5.24 -21.69 15.26
C SER A 366 5.32 -20.18 15.06
N SER A 367 4.59 -19.63 14.07
CA SER A 367 4.61 -18.20 13.77
C SER A 367 4.08 -17.33 14.91
N VAL A 368 3.28 -17.91 15.83
CA VAL A 368 2.72 -17.18 16.98
C VAL A 368 3.82 -16.71 17.92
N ASP A 369 4.96 -17.43 17.97
CA ASP A 369 6.10 -17.11 18.82
C ASP A 369 6.65 -15.70 18.54
N TYR A 370 6.49 -15.17 17.30
CA TYR A 370 6.91 -13.80 16.96
C TYR A 370 6.11 -12.71 17.69
N MET A 371 4.99 -13.08 18.34
CA MET A 371 4.10 -12.19 19.11
C MET A 371 4.51 -12.03 20.57
N TYR A 372 5.41 -12.91 21.09
CA TYR A 372 5.78 -12.89 22.51
C TYR A 372 7.23 -12.58 22.79
N THR A 373 7.52 -12.30 24.08
CA THR A 373 8.86 -12.09 24.60
C THR A 373 9.41 -13.48 24.92
N HIS A 374 10.70 -13.70 24.59
CA HIS A 374 11.36 -14.96 24.88
C HIS A 374 12.68 -14.72 25.59
N SER A 375 12.98 -15.58 26.57
CA SER A 375 14.26 -15.52 27.26
C SER A 375 15.29 -16.19 26.36
N LEU A 376 16.56 -15.87 26.57
CA LEU A 376 17.66 -16.49 25.86
C LEU A 376 17.82 -17.88 26.48
N ARG A 377 18.22 -18.91 25.71
CA ARG A 377 18.44 -20.22 26.34
C ARG A 377 19.74 -20.10 27.14
N SER A 378 19.87 -20.88 28.22
CA SER A 378 21.04 -20.80 29.10
C SER A 378 22.36 -20.69 28.34
N GLU A 379 22.59 -21.54 27.31
CA GLU A 379 23.83 -21.55 26.52
C GLU A 379 24.13 -20.20 25.87
N CYS A 380 23.09 -19.50 25.36
CA CYS A 380 23.28 -18.19 24.75
C CYS A 380 23.43 -17.07 25.76
N ALA A 381 22.69 -17.14 26.87
CA ALA A 381 22.81 -16.18 27.98
C ALA A 381 24.29 -16.17 28.47
N ALA A 382 24.89 -17.38 28.56
CA ALA A 382 26.28 -17.59 28.99
C ALA A 382 27.32 -17.06 27.99
N SER A 383 27.21 -17.46 26.72
CA SER A 383 28.18 -17.06 25.71
C SER A 383 28.02 -15.63 25.20
N GLY A 384 26.78 -15.13 25.20
CA GLY A 384 26.42 -13.85 24.61
C GLY A 384 25.87 -14.11 23.22
N ALA A 385 24.97 -13.23 22.74
CA ALA A 385 24.32 -13.39 21.42
C ALA A 385 25.29 -13.30 20.24
N ASP A 386 26.45 -12.61 20.43
CA ASP A 386 27.47 -12.46 19.38
C ASP A 386 28.22 -13.77 19.08
N LYS A 387 28.00 -14.81 19.90
CA LYS A 387 28.65 -16.13 19.72
C LYS A 387 27.71 -17.20 19.14
N PHE A 388 26.48 -16.80 18.84
CA PHE A 388 25.48 -17.69 18.22
C PHE A 388 25.26 -17.25 16.77
N VAL A 389 25.20 -18.23 15.87
CA VAL A 389 24.91 -17.96 14.46
C VAL A 389 23.41 -17.51 14.31
N PHE A 390 22.48 -18.23 14.99
CA PHE A 390 21.05 -17.98 14.91
C PHE A 390 20.47 -17.28 16.11
N TRP A 391 19.53 -16.35 15.85
CA TRP A 391 18.81 -15.59 16.87
C TRP A 391 17.54 -16.35 17.26
N ASP A 392 16.73 -16.70 16.25
CA ASP A 392 15.48 -17.42 16.48
C ASP A 392 15.57 -18.74 15.66
N VAL A 393 14.45 -19.44 15.39
CA VAL A 393 14.53 -20.73 14.68
C VAL A 393 14.86 -20.55 13.16
N THR A 394 14.78 -19.33 12.63
CA THR A 394 14.98 -19.08 11.21
C THR A 394 16.08 -18.07 10.91
N HIS A 395 16.09 -16.99 11.68
CA HIS A 395 16.89 -15.81 11.38
C HIS A 395 18.22 -15.74 12.09
N PRO A 396 19.26 -15.26 11.39
CA PRO A 396 20.57 -15.15 12.02
C PRO A 396 20.65 -13.99 13.02
N THR A 397 21.63 -14.06 13.94
CA THR A 397 21.88 -13.00 14.89
C THR A 397 22.51 -11.81 14.12
N THR A 398 22.62 -10.67 14.81
CA THR A 398 23.27 -9.48 14.27
C THR A 398 24.79 -9.71 14.11
N ALA A 399 25.40 -10.58 14.95
CA ALA A 399 26.83 -10.90 14.80
C ALA A 399 27.06 -11.65 13.46
N THR A 400 26.15 -12.59 13.11
CA THR A 400 26.19 -13.28 11.81
C THR A 400 26.01 -12.29 10.68
N HIS A 401 25.04 -11.38 10.78
CA HIS A 401 24.81 -10.33 9.78
C HIS A 401 26.07 -9.48 9.57
N ARG A 402 26.75 -9.08 10.68
CA ARG A 402 27.99 -8.30 10.64
C ARG A 402 29.12 -9.12 10.00
N TYR A 403 29.21 -10.41 10.34
CA TYR A 403 30.19 -11.35 9.81
C TYR A 403 30.10 -11.45 8.26
N VAL A 404 28.90 -11.61 7.72
CA VAL A 404 28.66 -11.65 6.28
C VAL A 404 28.98 -10.28 5.65
N ALA A 405 28.48 -9.17 6.25
CA ALA A 405 28.76 -7.81 5.72
C ALA A 405 30.28 -7.55 5.59
N GLU A 406 31.05 -7.90 6.64
CA GLU A 406 32.50 -7.71 6.70
C GLU A 406 33.21 -8.59 5.67
N LYS A 407 32.79 -9.86 5.53
CA LYS A 407 33.35 -10.80 4.55
C LYS A 407 33.07 -10.27 3.13
N MET A 408 31.87 -9.71 2.90
CA MET A 408 31.51 -9.13 1.62
C MET A 408 32.34 -7.90 1.31
N LEU A 409 32.47 -6.97 2.28
CA LEU A 409 33.24 -5.72 2.11
C LEU A 409 34.69 -5.95 1.74
N GLU A 410 35.34 -6.99 2.31
CA GLU A 410 36.73 -7.38 2.04
C GLU A 410 36.89 -8.15 0.71
N SER A 411 35.82 -8.82 0.23
CA SER A 411 35.80 -9.60 -1.01
C SER A 411 35.93 -8.73 -2.28
N SER A 412 36.32 -9.37 -3.42
CA SER A 412 36.54 -8.77 -4.75
C SER A 412 37.54 -7.59 -4.69
N ASN A 413 38.64 -7.78 -3.92
CA ASN A 413 39.72 -6.81 -3.66
C ASN A 413 39.15 -5.50 -3.05
N ASN A 414 38.26 -5.67 -2.05
CA ASN A 414 37.54 -4.62 -1.34
C ASN A 414 36.79 -3.69 -2.31
N LEU A 415 35.63 -4.17 -2.82
CA LEU A 415 34.69 -3.50 -3.72
C LEU A 415 35.38 -2.62 -4.81
N GLU A 416 36.45 -3.15 -5.43
CA GLU A 416 37.21 -2.47 -6.50
C GLU A 416 36.32 -2.10 -7.70
N GLU A 417 35.22 -2.85 -7.89
CA GLU A 417 34.23 -2.68 -8.95
C GLU A 417 33.37 -1.41 -8.78
N PHE A 418 33.25 -0.91 -7.53
CA PHE A 418 32.45 0.29 -7.25
C PHE A 418 33.32 1.49 -6.89
N SER B 33 -31.93 23.26 -22.62
CA SER B 33 -31.54 24.11 -23.75
C SER B 33 -30.24 24.86 -23.47
N ALA B 34 -29.58 25.34 -24.55
CA ALA B 34 -28.33 26.11 -24.48
C ALA B 34 -28.51 27.40 -23.66
N ALA B 35 -29.72 28.03 -23.75
CA ALA B 35 -30.09 29.25 -23.03
C ALA B 35 -30.22 28.99 -21.53
N GLU B 36 -30.83 27.85 -21.15
CA GLU B 36 -30.99 27.42 -19.75
C GLU B 36 -29.59 27.14 -19.15
N VAL B 37 -28.63 26.65 -19.99
CA VAL B 37 -27.26 26.41 -19.54
C VAL B 37 -26.62 27.75 -19.15
N VAL B 38 -26.67 28.75 -20.07
CA VAL B 38 -26.11 30.10 -19.87
C VAL B 38 -26.71 30.77 -18.62
N SER B 39 -28.06 30.76 -18.50
CA SER B 39 -28.83 31.29 -17.38
C SER B 39 -28.34 30.70 -16.03
N ALA B 40 -28.09 29.38 -15.97
CA ALA B 40 -27.60 28.68 -14.77
C ALA B 40 -26.15 29.05 -14.41
N GLN B 41 -25.24 29.05 -15.40
CA GLN B 41 -23.83 29.40 -15.22
C GLN B 41 -23.64 30.88 -14.83
N GLU B 42 -24.53 31.77 -15.32
CA GLU B 42 -24.48 33.20 -15.04
C GLU B 42 -25.09 33.53 -13.68
N ASN B 43 -25.81 32.58 -13.05
CA ASN B 43 -26.40 32.78 -11.72
C ASN B 43 -25.32 32.52 -10.65
N GLN B 44 -24.30 33.40 -10.64
CA GLN B 44 -23.14 33.34 -9.74
C GLN B 44 -23.48 33.68 -8.30
N THR B 45 -22.93 32.89 -7.38
CA THR B 45 -23.09 33.03 -5.93
C THR B 45 -21.85 32.45 -5.25
N TYR B 46 -21.96 32.18 -3.96
CA TYR B 46 -20.89 31.59 -3.18
C TYR B 46 -21.49 30.61 -2.19
N THR B 47 -20.64 29.71 -1.68
CA THR B 47 -21.04 28.74 -0.68
C THR B 47 -19.86 28.44 0.22
N TYR B 48 -20.11 27.69 1.28
CA TYR B 48 -19.09 27.31 2.24
C TYR B 48 -18.69 25.85 1.99
N VAL B 49 -17.62 25.41 2.67
CA VAL B 49 -17.13 24.05 2.50
C VAL B 49 -17.20 23.30 3.83
N ARG B 50 -17.88 22.16 3.82
CA ARG B 50 -17.98 21.27 4.96
C ARG B 50 -16.82 20.29 4.81
N CYS B 51 -15.91 20.28 5.81
CA CYS B 51 -14.71 19.43 5.84
C CYS B 51 -14.98 18.26 6.78
N TRP B 52 -15.14 17.06 6.22
CA TRP B 52 -15.40 15.85 7.00
C TRP B 52 -14.11 15.12 7.31
N TYR B 53 -14.08 14.42 8.46
CA TYR B 53 -12.89 13.68 8.88
C TYR B 53 -13.28 12.54 9.81
N ARG B 54 -12.43 11.49 9.86
CA ARG B 54 -12.56 10.37 10.78
C ARG B 54 -12.11 10.90 12.13
N THR B 55 -12.98 10.81 13.15
CA THR B 55 -12.70 11.35 14.49
C THR B 55 -11.55 10.60 15.16
N SER B 56 -11.39 9.32 14.84
CA SER B 56 -10.36 8.46 15.38
C SER B 56 -9.07 8.36 14.52
N HIS B 57 -7.97 7.94 15.15
CA HIS B 57 -6.69 7.68 14.48
C HIS B 57 -6.70 6.22 13.91
N SER B 58 -7.71 5.40 14.31
CA SER B 58 -7.87 4.01 13.88
C SER B 58 -8.90 3.84 12.76
N LYS B 59 -8.58 2.98 11.76
CA LYS B 59 -9.51 2.67 10.68
C LYS B 59 -10.59 1.68 11.13
N ASP B 60 -10.51 1.18 12.39
CA ASP B 60 -11.51 0.29 13.00
C ASP B 60 -12.76 1.08 13.36
N ASP B 61 -12.63 2.43 13.44
CA ASP B 61 -13.68 3.37 13.86
C ASP B 61 -14.11 4.21 12.68
N ALA B 62 -15.33 3.91 12.17
CA ALA B 62 -15.94 4.52 10.98
C ALA B 62 -16.51 5.91 11.25
N ALA B 63 -16.76 6.24 12.54
CA ALA B 63 -17.36 7.52 12.94
C ALA B 63 -16.62 8.76 12.38
N THR B 64 -17.41 9.74 11.96
CA THR B 64 -16.88 10.96 11.36
C THR B 64 -17.51 12.21 11.97
N ASP B 65 -16.87 13.37 11.75
CA ASP B 65 -17.39 14.68 12.14
C ASP B 65 -16.93 15.67 11.10
N TRP B 66 -17.37 16.92 11.22
CA TRP B 66 -17.05 17.95 10.26
C TRP B 66 -16.85 19.32 10.91
N LYS B 67 -16.16 20.20 10.20
CA LYS B 67 -15.93 21.58 10.55
C LYS B 67 -16.02 22.40 9.27
N TRP B 68 -16.46 23.66 9.39
CA TRP B 68 -16.51 24.57 8.26
C TRP B 68 -15.08 24.91 7.87
N ALA B 69 -14.78 24.96 6.55
CA ALA B 69 -13.45 25.32 6.05
C ALA B 69 -13.15 26.76 6.38
N LYS B 70 -11.91 27.03 6.82
CA LYS B 70 -11.51 28.39 7.19
C LYS B 70 -10.25 28.77 6.42
N ASN B 71 -9.96 30.08 6.36
CA ASN B 71 -8.74 30.60 5.76
C ASN B 71 -7.70 30.68 6.88
N GLN B 72 -6.42 30.97 6.55
CA GLN B 72 -5.32 31.08 7.52
C GLN B 72 -5.54 32.14 8.61
N ASP B 73 -6.24 33.25 8.26
CA ASP B 73 -6.54 34.32 9.22
C ASP B 73 -7.74 33.99 10.14
N GLY B 74 -8.36 32.82 9.95
CA GLY B 74 -9.52 32.39 10.73
C GLY B 74 -10.87 32.82 10.16
N SER B 75 -10.85 33.54 9.02
CA SER B 75 -12.08 33.98 8.34
C SER B 75 -12.71 32.77 7.61
N ASP B 76 -14.02 32.85 7.28
CA ASP B 76 -14.74 31.77 6.58
C ASP B 76 -14.21 31.62 5.17
N PHE B 77 -13.92 30.37 4.77
CA PHE B 77 -13.49 30.11 3.40
C PHE B 77 -14.74 29.93 2.57
N THR B 78 -14.80 30.64 1.44
CA THR B 78 -15.91 30.51 0.52
C THR B 78 -15.40 30.15 -0.86
N ILE B 79 -16.29 29.55 -1.66
CA ILE B 79 -16.02 29.22 -3.05
C ILE B 79 -17.10 29.87 -3.90
N ASP B 80 -16.69 30.54 -4.98
CA ASP B 80 -17.57 31.21 -5.92
C ASP B 80 -18.00 30.23 -7.02
N GLY B 81 -19.20 30.41 -7.51
CA GLY B 81 -19.69 29.56 -8.59
C GLY B 81 -21.19 29.54 -8.71
N TYR B 82 -21.72 28.44 -9.28
CA TYR B 82 -23.16 28.30 -9.52
C TYR B 82 -23.67 26.91 -9.17
N TRP B 83 -24.94 26.85 -8.82
CA TRP B 83 -25.65 25.65 -8.47
C TRP B 83 -26.47 25.18 -9.65
N TRP B 84 -26.66 23.87 -9.74
CA TRP B 84 -27.57 23.30 -10.71
C TRP B 84 -27.99 21.91 -10.30
N SER B 85 -29.30 21.61 -10.44
CA SER B 85 -29.88 20.29 -10.17
C SER B 85 -30.78 19.91 -11.33
N LYS B 90 -30.28 16.84 -4.60
CA LYS B 90 -29.43 16.46 -5.75
C LYS B 90 -29.01 17.72 -6.54
N ASN B 91 -28.20 18.56 -5.89
CA ASN B 91 -27.67 19.84 -6.33
C ASN B 91 -26.13 19.82 -6.37
N MET B 92 -25.52 20.20 -7.50
CA MET B 92 -24.06 20.25 -7.63
C MET B 92 -23.59 21.70 -7.72
N PHE B 93 -22.44 22.00 -7.07
CA PHE B 93 -21.89 23.35 -7.09
C PHE B 93 -20.68 23.33 -8.02
N TYR B 94 -20.67 24.21 -9.02
CA TYR B 94 -19.60 24.32 -10.00
C TYR B 94 -18.76 25.55 -9.68
N THR B 95 -17.45 25.35 -9.46
CA THR B 95 -16.51 26.42 -9.10
C THR B 95 -15.26 26.38 -9.97
N ASN B 96 -14.57 27.52 -10.05
CA ASN B 96 -13.30 27.56 -10.77
C ASN B 96 -12.17 27.15 -9.82
N THR B 97 -12.44 27.15 -8.49
CA THR B 97 -11.43 26.77 -7.50
C THR B 97 -11.10 25.29 -7.65
N SER B 98 -9.81 24.95 -7.69
CA SER B 98 -9.39 23.56 -7.84
C SER B 98 -9.69 22.74 -6.61
N GLN B 99 -9.80 21.42 -6.79
CA GLN B 99 -10.02 20.43 -5.74
C GLN B 99 -8.83 20.43 -4.76
N ASN B 100 -7.60 20.64 -5.29
CA ASN B 100 -6.37 20.72 -4.48
C ASN B 100 -6.43 21.88 -3.50
N VAL B 101 -6.89 23.06 -3.96
CA VAL B 101 -7.03 24.27 -3.10
C VAL B 101 -8.05 24.01 -1.98
N ILE B 102 -9.20 23.38 -2.31
CA ILE B 102 -10.25 23.07 -1.34
C ILE B 102 -9.75 22.05 -0.30
N ARG B 103 -9.11 20.95 -0.76
CA ARG B 103 -8.52 19.92 0.10
C ARG B 103 -7.53 20.53 1.07
N GLN B 104 -6.60 21.39 0.56
CA GLN B 104 -5.55 22.07 1.32
C GLN B 104 -6.16 22.95 2.41
N ARG B 105 -7.29 23.60 2.08
CA ARG B 105 -8.03 24.47 2.99
C ARG B 105 -8.62 23.64 4.15
N CYS B 106 -9.18 22.46 3.84
CA CYS B 106 -9.74 21.51 4.82
C CYS B 106 -8.63 20.95 5.71
N GLU B 107 -7.50 20.49 5.10
CA GLU B 107 -6.35 19.91 5.82
C GLU B 107 -5.79 20.91 6.85
N GLU B 108 -5.61 22.17 6.45
CA GLU B 108 -5.08 23.25 7.28
C GLU B 108 -6.08 23.73 8.32
N THR B 109 -7.40 23.68 8.03
CA THR B 109 -8.42 24.08 9.00
C THR B 109 -8.50 23.02 10.11
N LEU B 110 -8.56 21.75 9.72
CA LEU B 110 -8.71 20.64 10.67
C LEU B 110 -7.43 20.41 11.45
N ASP B 111 -6.26 20.62 10.79
CA ASP B 111 -4.91 20.45 11.34
C ASP B 111 -4.92 19.26 12.32
N LEU B 112 -5.26 18.05 11.83
CA LEU B 112 -5.44 16.90 12.73
C LEU B 112 -4.20 16.10 13.00
N ALA B 113 -3.16 16.23 12.14
CA ALA B 113 -1.94 15.43 12.20
C ALA B 113 -2.38 13.96 12.49
N ASN B 114 -3.26 13.44 11.60
CA ASN B 114 -3.87 12.11 11.68
C ASN B 114 -3.79 11.46 10.30
N GLU B 115 -3.03 10.37 10.23
CA GLU B 115 -2.78 9.59 9.02
C GLU B 115 -4.04 8.93 8.47
N ASN B 116 -5.05 8.65 9.35
CA ASN B 116 -6.32 8.01 9.00
C ASN B 116 -7.52 8.95 9.02
N ALA B 117 -7.27 10.29 9.01
CA ALA B 117 -8.32 11.34 8.98
C ALA B 117 -9.26 11.11 7.79
N ASP B 118 -8.68 10.73 6.63
CA ASP B 118 -9.43 10.43 5.41
C ASP B 118 -10.43 11.54 5.07
N ILE B 119 -9.90 12.78 4.97
CA ILE B 119 -10.70 13.98 4.70
C ILE B 119 -11.46 13.95 3.36
N THR B 120 -12.74 14.34 3.41
CA THR B 120 -13.59 14.53 2.24
C THR B 120 -14.27 15.86 2.47
N PHE B 121 -14.71 16.51 1.39
CA PHE B 121 -15.32 17.85 1.49
C PHE B 121 -16.50 18.00 0.56
N PHE B 122 -17.43 18.90 0.92
CA PHE B 122 -18.65 19.17 0.16
C PHE B 122 -19.03 20.63 0.28
N ALA B 123 -19.83 21.11 -0.68
CA ALA B 123 -20.37 22.47 -0.65
C ALA B 123 -21.62 22.42 0.25
N ALA B 124 -21.81 23.45 1.08
CA ALA B 124 -22.97 23.56 1.98
C ALA B 124 -23.13 25.01 2.40
N ASP B 125 -24.35 25.55 2.28
CA ASP B 125 -24.66 26.93 2.65
C ASP B 125 -24.73 27.09 4.17
N ASN B 126 -25.34 26.10 4.86
CA ASN B 126 -25.54 26.08 6.32
C ASN B 126 -25.50 24.65 6.87
N ARG B 127 -25.74 24.50 8.20
CA ARG B 127 -25.72 23.21 8.93
C ARG B 127 -26.77 22.18 8.45
N TYR B 128 -27.88 22.65 7.85
CA TYR B 128 -28.99 21.81 7.41
C TYR B 128 -28.85 21.30 5.98
N SER B 129 -27.83 21.82 5.26
CA SER B 129 -27.55 21.43 3.88
C SER B 129 -27.08 20.00 3.80
N TYR B 130 -27.45 19.33 2.73
CA TYR B 130 -26.97 18.01 2.40
C TYR B 130 -25.50 18.17 1.97
N ASN B 131 -24.81 17.04 1.76
CA ASN B 131 -23.43 17.06 1.30
C ASN B 131 -23.42 17.20 -0.21
N HIS B 132 -23.17 18.42 -0.72
CA HIS B 132 -23.19 18.65 -2.18
C HIS B 132 -21.82 18.50 -2.79
N THR B 133 -21.73 17.72 -3.88
CA THR B 133 -20.45 17.53 -4.58
C THR B 133 -20.07 18.86 -5.25
N ILE B 134 -18.78 19.16 -5.19
CA ILE B 134 -18.18 20.34 -5.80
C ILE B 134 -17.53 19.88 -7.10
N TRP B 135 -17.92 20.48 -8.21
CA TRP B 135 -17.30 20.21 -9.50
C TRP B 135 -16.35 21.38 -9.79
N SER B 136 -15.07 21.10 -9.98
CA SER B 136 -14.09 22.12 -10.33
C SER B 136 -14.04 22.20 -11.87
N ASN B 137 -14.51 23.30 -12.44
CA ASN B 137 -14.55 23.50 -13.90
C ASN B 137 -13.16 23.48 -14.50
N ASP B 138 -13.01 22.85 -15.69
CA ASP B 138 -11.71 22.77 -16.37
C ASP B 138 -11.38 24.08 -17.06
N ALA B 139 -10.08 24.27 -17.35
CA ALA B 139 -9.59 25.44 -18.08
C ALA B 139 -9.86 25.18 -19.57
N ALA B 140 -10.09 26.26 -20.35
CA ALA B 140 -10.33 26.15 -21.80
C ALA B 140 -9.13 25.56 -22.53
N MET B 141 -7.91 25.86 -22.03
CA MET B 141 -6.66 25.28 -22.52
C MET B 141 -6.40 24.02 -21.67
N GLN B 142 -6.72 22.86 -22.22
CA GLN B 142 -6.53 21.58 -21.55
C GLN B 142 -5.66 20.71 -22.40
N PRO B 143 -4.55 20.13 -21.89
CA PRO B 143 -3.81 19.16 -22.72
C PRO B 143 -4.61 17.85 -22.86
N ASP B 144 -4.31 17.08 -23.92
CA ASP B 144 -4.97 15.79 -24.16
C ASP B 144 -4.41 14.77 -23.18
N GLN B 145 -5.02 14.70 -21.99
CA GLN B 145 -4.60 13.82 -20.90
C GLN B 145 -5.73 13.70 -19.91
N ILE B 146 -5.82 12.55 -19.22
CA ILE B 146 -6.83 12.29 -18.17
C ILE B 146 -6.63 13.33 -17.06
N ASN B 147 -7.72 14.03 -16.68
CA ASN B 147 -7.64 15.05 -15.64
C ASN B 147 -8.75 14.90 -14.60
N LYS B 148 -9.52 13.78 -14.68
CA LYS B 148 -10.59 13.45 -13.74
C LYS B 148 -11.04 12.01 -13.89
N VAL B 149 -11.66 11.50 -12.83
CA VAL B 149 -12.24 10.17 -12.75
C VAL B 149 -13.75 10.31 -12.52
N VAL B 150 -14.57 9.64 -13.35
CA VAL B 150 -16.03 9.60 -13.21
C VAL B 150 -16.41 8.14 -12.94
N ALA B 151 -17.08 7.91 -11.79
CA ALA B 151 -17.44 6.58 -11.32
C ALA B 151 -18.90 6.29 -11.49
N LEU B 152 -19.21 5.08 -12.00
CA LEU B 152 -20.57 4.56 -12.19
C LEU B 152 -20.60 3.14 -11.62
N GLY B 153 -21.70 2.76 -11.01
CA GLY B 153 -21.79 1.45 -10.40
C GLY B 153 -22.64 1.37 -9.17
N ASP B 154 -22.26 0.47 -8.25
CA ASP B 154 -23.06 0.18 -7.05
C ASP B 154 -22.28 0.49 -5.72
N SER B 155 -22.57 -0.24 -4.63
CA SER B 155 -21.91 -0.02 -3.34
C SER B 155 -20.40 -0.31 -3.37
N LEU B 156 -19.88 -0.96 -4.41
CA LEU B 156 -18.42 -1.11 -4.46
C LEU B 156 -17.74 0.22 -4.82
N SER B 157 -18.52 1.18 -5.31
CA SER B 157 -17.99 2.45 -5.73
C SER B 157 -18.62 3.64 -5.06
N ASP B 158 -19.83 3.49 -4.52
CA ASP B 158 -20.54 4.64 -3.98
C ASP B 158 -19.77 5.35 -2.87
N THR B 159 -19.60 6.66 -3.02
CA THR B 159 -18.87 7.48 -2.03
C THR B 159 -19.85 8.30 -1.17
N GLY B 160 -21.16 8.20 -1.40
CA GLY B 160 -22.10 8.96 -0.60
C GLY B 160 -23.44 9.36 -1.21
N ASN B 161 -23.79 8.87 -2.41
CA ASN B 161 -25.07 9.20 -3.08
C ASN B 161 -26.32 8.69 -2.37
N ILE B 162 -26.33 7.40 -1.94
CA ILE B 162 -27.47 6.85 -1.19
C ILE B 162 -27.50 7.44 0.23
N PHE B 163 -26.32 7.83 0.83
CA PHE B 163 -26.25 8.51 2.16
C PHE B 163 -27.05 9.80 2.17
N ASN B 164 -26.86 10.63 1.13
CA ASN B 164 -27.54 11.90 0.97
C ASN B 164 -29.05 11.69 0.85
N ALA B 165 -29.47 10.76 -0.04
CA ALA B 165 -30.88 10.41 -0.31
C ALA B 165 -31.60 9.84 0.91
N SER B 166 -30.84 9.20 1.83
CA SER B 166 -31.38 8.59 3.04
C SER B 166 -31.37 9.56 4.21
N GLN B 167 -31.02 10.84 3.97
CA GLN B 167 -30.90 11.86 5.03
C GLN B 167 -29.89 11.44 6.14
N TRP B 168 -28.73 10.93 5.68
CA TRP B 168 -27.56 10.52 6.47
C TRP B 168 -27.82 9.33 7.44
N ARG B 169 -28.76 8.42 7.03
CA ARG B 169 -29.22 7.23 7.78
C ARG B 169 -28.77 5.87 7.25
N PHE B 170 -28.77 5.67 5.93
CA PHE B 170 -28.37 4.42 5.29
C PHE B 170 -27.12 4.65 4.41
N PRO B 171 -25.96 4.08 4.75
CA PRO B 171 -25.64 3.21 5.90
C PRO B 171 -25.32 4.00 7.17
N ASN B 172 -25.64 3.44 8.33
CA ASN B 172 -25.42 4.09 9.62
C ASN B 172 -24.00 4.70 9.73
N PRO B 173 -23.90 6.02 10.01
CA PRO B 173 -22.58 6.70 10.05
C PRO B 173 -21.63 6.37 11.21
N ASN B 174 -22.08 5.55 12.18
CA ASN B 174 -21.21 5.12 13.26
C ASN B 174 -20.49 3.83 12.90
N SER B 175 -21.10 3.00 12.02
CA SER B 175 -20.53 1.70 11.62
C SER B 175 -20.11 1.60 10.14
N TRP B 176 -20.45 2.60 9.33
CA TRP B 176 -20.00 2.69 7.94
C TRP B 176 -19.43 4.10 7.76
N PHE B 177 -18.31 4.22 7.05
CA PHE B 177 -17.62 5.49 6.85
C PHE B 177 -18.35 6.47 5.93
N LEU B 178 -19.00 7.49 6.53
CA LEU B 178 -19.72 8.56 5.84
C LEU B 178 -20.28 8.19 4.45
N GLY B 179 -21.30 7.33 4.40
CA GLY B 179 -21.95 6.95 3.15
C GLY B 179 -21.23 5.98 2.26
N HIS B 180 -20.05 5.51 2.69
CA HIS B 180 -19.30 4.52 1.94
C HIS B 180 -19.69 3.17 2.56
N PHE B 181 -19.91 2.12 1.75
CA PHE B 181 -20.24 0.80 2.31
C PHE B 181 -18.94 0.07 2.66
N SER B 182 -18.22 0.62 3.63
CA SER B 182 -16.92 0.13 4.13
C SER B 182 -16.52 0.96 5.36
N ASN B 183 -15.33 0.71 5.93
CA ASN B 183 -14.80 1.45 7.09
C ASN B 183 -13.90 2.62 6.64
N GLY B 184 -13.86 2.88 5.34
CA GLY B 184 -13.07 3.97 4.77
C GLY B 184 -13.28 4.12 3.27
N PHE B 185 -12.26 4.64 2.59
CA PHE B 185 -12.31 4.88 1.13
C PHE B 185 -12.59 3.61 0.32
N VAL B 186 -13.21 3.79 -0.86
CA VAL B 186 -13.48 2.69 -1.77
C VAL B 186 -12.35 2.72 -2.83
N TRP B 187 -12.26 1.69 -3.67
CA TRP B 187 -11.21 1.52 -4.67
C TRP B 187 -11.02 2.73 -5.61
N THR B 188 -12.12 3.37 -6.08
CA THR B 188 -12.09 4.53 -6.99
C THR B 188 -11.39 5.72 -6.32
N GLU B 189 -11.63 5.91 -5.01
CA GLU B 189 -11.00 7.00 -4.27
C GLU B 189 -9.50 6.80 -4.15
N TYR B 190 -9.07 5.56 -3.94
CA TYR B 190 -7.65 5.24 -3.88
C TYR B 190 -6.98 5.43 -5.23
N VAL B 191 -7.65 5.05 -6.34
CA VAL B 191 -7.13 5.21 -7.72
C VAL B 191 -6.95 6.70 -8.02
N ALA B 192 -8.02 7.50 -7.84
CA ALA B 192 -8.01 8.95 -8.07
C ALA B 192 -6.93 9.65 -7.20
N LYS B 193 -6.83 9.28 -5.91
CA LYS B 193 -5.85 9.87 -5.00
C LYS B 193 -4.42 9.54 -5.40
N ALA B 194 -4.16 8.30 -5.82
CA ALA B 194 -2.83 7.86 -6.26
C ALA B 194 -2.35 8.64 -7.48
N LYS B 195 -3.28 9.04 -8.38
CA LYS B 195 -2.98 9.80 -9.59
C LYS B 195 -3.22 11.31 -9.43
N ASN B 196 -3.57 11.76 -8.19
CA ASN B 196 -3.88 13.14 -7.85
C ASN B 196 -5.00 13.73 -8.77
N LEU B 197 -6.05 12.92 -9.00
CA LEU B 197 -7.14 13.36 -9.87
C LEU B 197 -8.42 13.58 -9.11
N PRO B 198 -9.25 14.59 -9.46
CA PRO B 198 -10.58 14.69 -8.84
C PRO B 198 -11.42 13.45 -9.21
N LEU B 199 -12.30 13.03 -8.29
CA LEU B 199 -13.20 11.91 -8.51
C LEU B 199 -14.61 12.43 -8.36
N TYR B 200 -15.44 12.19 -9.38
CA TYR B 200 -16.83 12.59 -9.38
C TYR B 200 -17.66 11.34 -9.45
N ASN B 201 -18.45 11.10 -8.42
CA ASN B 201 -19.18 9.85 -8.32
C ASN B 201 -20.68 9.91 -8.64
N TRP B 202 -21.12 8.95 -9.43
CA TRP B 202 -22.52 8.74 -9.76
C TRP B 202 -23.01 7.38 -9.26
N ALA B 203 -22.09 6.51 -8.75
CA ALA B 203 -22.48 5.17 -8.25
C ALA B 203 -23.43 5.23 -7.04
N VAL B 204 -24.39 4.33 -6.97
CA VAL B 204 -25.37 4.42 -5.89
C VAL B 204 -25.41 3.07 -5.22
N GLY B 205 -25.27 3.03 -3.90
CA GLY B 205 -25.41 1.78 -3.13
C GLY B 205 -26.76 1.16 -3.37
N GLY B 206 -26.79 -0.15 -3.60
CA GLY B 206 -28.00 -0.91 -3.90
C GLY B 206 -28.49 -0.80 -5.35
N ALA B 207 -27.71 -0.08 -6.21
CA ALA B 207 -28.09 0.11 -7.61
C ALA B 207 -28.03 -1.15 -8.48
N ALA B 208 -29.09 -1.35 -9.28
CA ALA B 208 -29.22 -2.38 -10.30
C ALA B 208 -29.00 -1.64 -11.67
N GLY B 209 -29.09 -2.36 -12.80
CA GLY B 209 -28.89 -1.78 -14.13
C GLY B 209 -30.01 -0.82 -14.52
N GLU B 210 -31.18 -1.02 -13.90
CA GLU B 210 -32.38 -0.21 -14.07
C GLU B 210 -32.99 0.11 -12.70
N ASN B 211 -33.88 1.13 -12.67
CA ASN B 211 -34.61 1.55 -11.47
C ASN B 211 -35.46 0.41 -10.88
N GLN B 212 -35.43 0.28 -9.56
CA GLN B 212 -36.20 -0.76 -8.86
C GLN B 212 -37.25 -0.09 -7.97
N TYR B 213 -38.48 -0.64 -7.95
CA TYR B 213 -39.59 -0.11 -7.14
C TYR B 213 -39.79 1.41 -7.36
N ILE B 214 -39.46 1.86 -8.61
CA ILE B 214 -39.53 3.23 -9.15
C ILE B 214 -38.43 4.13 -8.59
N ALA B 215 -38.35 4.22 -7.24
CA ALA B 215 -37.47 5.11 -6.49
C ALA B 215 -35.99 4.70 -6.41
N LEU B 216 -35.67 3.39 -6.43
CA LEU B 216 -34.27 2.93 -6.30
C LEU B 216 -33.52 3.12 -7.63
N THR B 217 -32.86 4.29 -7.82
CA THR B 217 -32.18 4.63 -9.08
C THR B 217 -31.04 3.67 -9.46
N GLY B 218 -31.05 3.26 -10.74
CA GLY B 218 -30.07 2.36 -11.32
C GLY B 218 -29.02 3.06 -12.18
N VAL B 219 -28.20 2.24 -12.87
CA VAL B 219 -27.08 2.72 -13.71
C VAL B 219 -27.55 3.58 -14.90
N GLY B 220 -28.65 3.20 -15.54
CA GLY B 220 -29.17 3.97 -16.67
C GLY B 220 -29.48 5.40 -16.23
N GLU B 221 -30.05 5.55 -15.01
CA GLU B 221 -30.37 6.86 -14.43
C GLU B 221 -29.08 7.62 -14.02
N GLN B 222 -27.98 6.89 -13.61
CA GLN B 222 -26.66 7.48 -13.31
C GLN B 222 -26.01 8.01 -14.61
N VAL B 223 -26.10 7.24 -15.71
CA VAL B 223 -25.58 7.71 -17.01
C VAL B 223 -26.36 8.99 -17.44
N SER B 224 -27.69 9.00 -17.28
CA SER B 224 -28.54 10.15 -17.64
C SER B 224 -28.16 11.34 -16.80
N SER B 225 -27.93 11.10 -15.49
CA SER B 225 -27.52 12.13 -14.54
C SER B 225 -26.16 12.72 -14.94
N TYR B 226 -25.16 11.85 -15.21
CA TYR B 226 -23.82 12.27 -15.64
C TYR B 226 -23.89 13.22 -16.90
N LEU B 227 -24.66 12.84 -17.93
CA LEU B 227 -24.83 13.61 -19.16
C LEU B 227 -25.50 14.92 -18.91
N THR B 228 -26.46 14.92 -18.00
CA THR B 228 -27.19 16.12 -17.65
C THR B 228 -26.26 17.10 -16.92
N TYR B 229 -25.60 16.65 -15.85
CA TYR B 229 -24.74 17.53 -15.03
C TYR B 229 -23.51 18.03 -15.77
N THR B 230 -22.95 17.25 -16.70
CA THR B 230 -21.74 17.69 -17.41
C THR B 230 -22.07 18.71 -18.50
N LYS B 231 -23.36 18.84 -18.88
CA LYS B 231 -23.78 19.86 -19.83
C LYS B 231 -23.67 21.27 -19.18
N LEU B 232 -23.69 21.35 -17.82
CA LEU B 232 -23.59 22.59 -17.06
C LEU B 232 -22.15 22.99 -16.75
N ALA B 233 -21.21 22.03 -16.87
CA ALA B 233 -19.79 22.24 -16.61
C ALA B 233 -19.22 23.11 -17.74
N LYS B 234 -18.16 23.87 -17.42
CA LYS B 234 -17.51 24.74 -18.40
C LYS B 234 -16.28 24.03 -18.93
N ASN B 235 -16.01 24.19 -20.25
CA ASN B 235 -14.84 23.62 -20.94
C ASN B 235 -14.72 22.11 -20.75
N TYR B 236 -15.86 21.41 -20.70
CA TYR B 236 -15.86 19.98 -20.48
C TYR B 236 -15.51 19.18 -21.73
N ASN B 237 -14.43 18.41 -21.64
CA ASN B 237 -14.00 17.54 -22.71
C ASN B 237 -14.12 16.07 -22.25
N PRO B 238 -15.17 15.32 -22.70
CA PRO B 238 -15.34 13.92 -22.26
C PRO B 238 -14.14 12.99 -22.51
N ALA B 239 -13.28 13.30 -23.51
CA ALA B 239 -12.08 12.50 -23.83
C ALA B 239 -11.02 12.53 -22.70
N ASN B 240 -11.08 13.52 -21.79
CA ASN B 240 -10.14 13.69 -20.69
C ASN B 240 -10.63 13.07 -19.36
N THR B 241 -11.75 12.32 -19.43
CA THR B 241 -12.32 11.66 -18.26
C THR B 241 -11.93 10.18 -18.25
N LEU B 242 -11.52 9.66 -17.09
CA LEU B 242 -11.32 8.23 -16.95
C LEU B 242 -12.61 7.72 -16.32
N PHE B 243 -13.35 6.87 -17.06
CA PHE B 243 -14.60 6.30 -16.54
C PHE B 243 -14.34 4.95 -15.87
N THR B 244 -14.95 4.73 -14.73
CA THR B 244 -14.89 3.43 -14.02
C THR B 244 -16.30 2.88 -14.02
N LEU B 245 -16.41 1.56 -14.24
CA LEU B 245 -17.72 0.94 -14.29
C LEU B 245 -17.70 -0.45 -13.70
N GLU B 246 -18.65 -0.71 -12.81
CA GLU B 246 -18.87 -2.03 -12.21
C GLU B 246 -20.34 -2.09 -11.75
N PHE B 247 -21.10 -3.13 -12.08
CA PHE B 247 -22.46 -3.33 -11.54
C PHE B 247 -22.92 -4.70 -11.97
N GLY B 248 -24.00 -5.18 -11.38
CA GLY B 248 -24.56 -6.48 -11.77
C GLY B 248 -24.83 -7.36 -10.60
N LEU B 249 -24.00 -7.21 -9.54
CA LEU B 249 -24.18 -7.99 -8.32
C LEU B 249 -25.51 -7.73 -7.62
N ASN B 250 -26.00 -6.49 -7.48
CA ASN B 250 -27.34 -6.33 -6.86
C ASN B 250 -28.45 -6.97 -7.70
N ASP B 251 -28.34 -6.81 -9.03
CA ASP B 251 -29.32 -7.33 -9.99
C ASP B 251 -29.43 -8.83 -9.78
N PHE B 252 -28.28 -9.50 -9.66
CA PHE B 252 -28.25 -10.94 -9.44
C PHE B 252 -28.59 -11.36 -8.01
N MET B 253 -28.06 -10.65 -7.00
CA MET B 253 -28.24 -10.99 -5.57
C MET B 253 -29.60 -10.63 -4.99
N ASN B 254 -30.08 -9.42 -5.27
CA ASN B 254 -31.29 -8.86 -4.65
C ASN B 254 -32.54 -8.77 -5.54
N TYR B 255 -32.39 -8.75 -6.88
CA TYR B 255 -33.57 -8.60 -7.75
C TYR B 255 -33.83 -9.79 -8.69
N ASN B 256 -33.02 -10.88 -8.56
CA ASN B 256 -33.11 -12.11 -9.36
C ASN B 256 -33.25 -11.79 -10.87
N ARG B 257 -32.53 -10.74 -11.34
CA ARG B 257 -32.57 -10.30 -12.73
C ARG B 257 -31.84 -11.32 -13.61
N SER B 258 -32.30 -11.46 -14.86
CA SER B 258 -31.72 -12.40 -15.81
C SER B 258 -30.37 -11.89 -16.31
N VAL B 259 -29.49 -12.80 -16.70
CA VAL B 259 -28.18 -12.46 -17.28
C VAL B 259 -28.41 -11.55 -18.52
N PRO B 260 -29.30 -11.86 -19.49
CA PRO B 260 -29.44 -10.98 -20.65
C PRO B 260 -29.87 -9.54 -20.32
N GLU B 261 -30.70 -9.32 -19.29
CA GLU B 261 -31.10 -7.94 -18.99
C GLU B 261 -29.98 -7.15 -18.31
N VAL B 262 -29.08 -7.83 -17.58
CA VAL B 262 -27.93 -7.17 -16.97
C VAL B 262 -26.89 -6.90 -18.06
N LYS B 263 -26.64 -7.87 -18.95
CA LYS B 263 -25.72 -7.67 -20.09
C LYS B 263 -26.20 -6.45 -20.90
N ALA B 264 -27.51 -6.38 -21.23
CA ALA B 264 -28.11 -5.28 -22.02
C ALA B 264 -27.91 -3.94 -21.36
N ASP B 265 -28.08 -3.85 -20.02
CA ASP B 265 -27.86 -2.59 -19.28
C ASP B 265 -26.40 -2.20 -19.32
N TYR B 266 -25.50 -3.19 -19.19
CA TYR B 266 -24.07 -2.92 -19.22
C TYR B 266 -23.65 -2.44 -20.61
N ALA B 267 -24.08 -3.15 -21.68
CA ALA B 267 -23.78 -2.76 -23.06
C ALA B 267 -24.33 -1.35 -23.34
N GLU B 268 -25.55 -1.04 -22.84
CA GLU B 268 -26.21 0.27 -23.01
C GLU B 268 -25.40 1.39 -22.37
N ALA B 269 -24.91 1.17 -21.14
CA ALA B 269 -24.08 2.18 -20.46
C ALA B 269 -22.86 2.54 -21.33
N LEU B 270 -22.14 1.53 -21.86
CA LEU B 270 -20.98 1.77 -22.74
C LEU B 270 -21.37 2.42 -24.06
N ILE B 271 -22.50 2.02 -24.65
CA ILE B 271 -22.98 2.64 -25.91
C ILE B 271 -23.24 4.14 -25.66
N ARG B 272 -23.98 4.45 -24.58
CA ARG B 272 -24.35 5.82 -24.23
C ARG B 272 -23.15 6.70 -23.93
N LEU B 273 -22.19 6.18 -23.14
CA LEU B 273 -20.98 6.91 -22.79
C LEU B 273 -20.08 7.18 -23.97
N THR B 274 -19.80 6.15 -24.79
CA THR B 274 -18.97 6.29 -26.00
C THR B 274 -19.62 7.23 -27.02
N ASP B 275 -20.97 7.17 -27.18
CA ASP B 275 -21.65 8.10 -28.09
C ASP B 275 -21.54 9.55 -27.61
N ALA B 276 -21.37 9.74 -26.28
CA ALA B 276 -21.20 11.05 -25.65
C ALA B 276 -19.74 11.48 -25.49
N GLY B 277 -18.83 10.86 -26.23
CA GLY B 277 -17.41 11.24 -26.24
C GLY B 277 -16.47 10.55 -25.28
N ALA B 278 -16.95 9.56 -24.51
CA ALA B 278 -16.09 8.81 -23.57
C ALA B 278 -15.07 7.96 -24.37
N LYS B 279 -13.79 8.01 -23.97
CA LYS B 279 -12.72 7.30 -24.69
C LYS B 279 -11.88 6.38 -23.80
N ASN B 280 -11.93 6.57 -22.48
CA ASN B 280 -11.07 5.90 -21.51
C ASN B 280 -11.87 5.21 -20.42
N PHE B 281 -11.68 3.89 -20.30
CA PHE B 281 -12.42 3.12 -19.31
C PHE B 281 -11.58 2.15 -18.47
N MET B 282 -11.95 2.06 -17.19
CA MET B 282 -11.44 1.06 -16.26
C MET B 282 -12.60 0.10 -16.06
N LEU B 283 -12.50 -1.09 -16.63
CA LEU B 283 -13.56 -2.11 -16.49
C LEU B 283 -13.08 -3.26 -15.62
N MET B 284 -14.00 -3.93 -14.98
CA MET B 284 -13.61 -5.04 -14.12
C MET B 284 -14.60 -6.17 -14.17
N THR B 285 -14.09 -7.41 -13.98
CA THR B 285 -14.96 -8.58 -13.87
C THR B 285 -15.54 -8.52 -12.46
N LEU B 286 -16.67 -9.18 -12.24
CA LEU B 286 -17.32 -9.15 -10.94
C LEU B 286 -16.76 -10.21 -10.03
N PRO B 287 -16.45 -9.88 -8.75
CA PRO B 287 -15.99 -10.94 -7.83
C PRO B 287 -17.15 -11.91 -7.54
N ASP B 288 -16.83 -13.16 -7.21
CA ASP B 288 -17.88 -14.11 -6.87
C ASP B 288 -18.43 -13.73 -5.50
N ALA B 289 -19.55 -12.95 -5.49
CA ALA B 289 -20.22 -12.47 -4.29
C ALA B 289 -20.69 -13.58 -3.37
N THR B 290 -20.88 -14.80 -3.91
CA THR B 290 -21.29 -15.94 -3.08
C THR B 290 -20.24 -16.33 -2.03
N LYS B 291 -18.99 -15.82 -2.15
CA LYS B 291 -17.93 -16.07 -1.15
C LYS B 291 -18.07 -15.10 0.05
N ALA B 292 -18.99 -14.11 -0.04
CA ALA B 292 -19.23 -13.15 1.04
C ALA B 292 -19.95 -13.81 2.23
N PRO B 293 -19.71 -13.31 3.47
CA PRO B 293 -20.39 -13.89 4.66
C PRO B 293 -21.91 -13.95 4.58
N GLN B 294 -22.50 -13.14 3.69
CA GLN B 294 -23.94 -13.08 3.41
C GLN B 294 -24.50 -14.46 3.02
N PHE B 295 -23.75 -15.23 2.22
CA PHE B 295 -24.18 -16.51 1.68
C PHE B 295 -24.03 -17.72 2.62
N LYS B 296 -23.60 -17.50 3.88
CA LYS B 296 -23.58 -18.53 4.92
C LYS B 296 -25.06 -18.86 5.21
N TYR B 297 -25.94 -17.85 4.99
CA TYR B 297 -27.38 -17.86 5.27
C TYR B 297 -28.26 -18.07 4.05
N SER B 298 -27.64 -18.37 2.91
CA SER B 298 -28.36 -18.62 1.66
C SER B 298 -28.34 -20.11 1.39
N THR B 299 -29.31 -20.59 0.62
CA THR B 299 -29.37 -22.02 0.30
C THR B 299 -28.36 -22.32 -0.83
N GLN B 300 -27.95 -23.60 -0.95
CA GLN B 300 -27.03 -24.09 -2.00
C GLN B 300 -27.52 -23.69 -3.40
N GLU B 301 -28.81 -23.92 -3.67
CA GLU B 301 -29.51 -23.58 -4.91
C GLU B 301 -29.34 -22.08 -5.27
N GLU B 302 -29.59 -21.18 -4.29
CA GLU B 302 -29.44 -19.73 -4.47
C GLU B 302 -27.98 -19.37 -4.81
N ILE B 303 -27.00 -19.96 -4.09
CA ILE B 303 -25.57 -19.75 -4.32
C ILE B 303 -25.16 -20.19 -5.73
N GLU B 304 -25.56 -21.41 -6.13
CA GLU B 304 -25.25 -21.95 -7.46
C GLU B 304 -25.80 -21.07 -8.58
N THR B 305 -27.03 -20.55 -8.42
CA THR B 305 -27.69 -19.65 -9.38
C THR B 305 -26.89 -18.35 -9.53
N ILE B 306 -26.59 -17.65 -8.42
CA ILE B 306 -25.84 -16.38 -8.45
C ILE B 306 -24.45 -16.57 -9.02
N ARG B 307 -23.71 -17.62 -8.57
CA ARG B 307 -22.35 -17.91 -9.06
C ARG B 307 -22.33 -18.09 -10.57
N ALA B 308 -23.28 -18.88 -11.12
CA ALA B 308 -23.43 -19.15 -12.57
C ALA B 308 -23.68 -17.84 -13.34
N LYS B 309 -24.54 -16.95 -12.81
CA LYS B 309 -24.83 -15.65 -13.43
C LYS B 309 -23.58 -14.78 -13.46
N VAL B 310 -22.78 -14.80 -12.37
CA VAL B 310 -21.52 -14.04 -12.28
C VAL B 310 -20.54 -14.49 -13.34
N LEU B 311 -20.37 -15.81 -13.49
CA LEU B 311 -19.47 -16.37 -14.49
C LEU B 311 -19.90 -16.00 -15.91
N LYS B 312 -21.21 -16.07 -16.21
CA LYS B 312 -21.71 -15.68 -17.54
C LYS B 312 -21.51 -14.19 -17.78
N MET B 313 -21.77 -13.35 -16.76
CA MET B 313 -21.58 -11.90 -16.89
C MET B 313 -20.11 -11.57 -17.15
N ASN B 314 -19.18 -12.29 -16.47
CA ASN B 314 -17.73 -12.03 -16.61
C ASN B 314 -17.19 -12.31 -18.02
N GLU B 315 -17.74 -13.32 -18.72
CA GLU B 315 -17.34 -13.61 -20.11
C GLU B 315 -17.83 -12.47 -21.01
N PHE B 316 -19.05 -11.94 -20.71
CA PHE B 316 -19.64 -10.81 -21.45
C PHE B 316 -18.80 -9.54 -21.25
N ILE B 317 -18.38 -9.22 -20.00
CA ILE B 317 -17.53 -8.06 -19.70
C ILE B 317 -16.22 -8.18 -20.49
N LYS B 318 -15.64 -9.40 -20.52
CA LYS B 318 -14.42 -9.69 -21.28
C LYS B 318 -14.62 -9.39 -22.78
N ALA B 319 -15.77 -9.83 -23.35
CA ALA B 319 -16.11 -9.60 -24.74
C ALA B 319 -16.35 -8.11 -25.00
N GLN B 320 -17.00 -7.39 -24.07
CA GLN B 320 -17.23 -5.94 -24.22
C GLN B 320 -15.93 -5.16 -24.21
N ALA B 321 -14.99 -5.50 -23.27
CA ALA B 321 -13.67 -4.87 -23.20
C ALA B 321 -12.93 -4.99 -24.55
N MET B 322 -12.95 -6.19 -25.16
CA MET B 322 -12.28 -6.44 -26.46
C MET B 322 -12.97 -5.73 -27.61
N TYR B 323 -14.31 -5.66 -27.57
CA TYR B 323 -15.14 -5.01 -28.58
C TYR B 323 -14.76 -3.52 -28.67
N TYR B 324 -14.65 -2.84 -27.51
CA TYR B 324 -14.30 -1.42 -27.48
C TYR B 324 -12.83 -1.20 -27.78
N LYS B 325 -11.96 -2.11 -27.32
CA LYS B 325 -10.52 -2.04 -27.63
C LYS B 325 -10.30 -2.17 -29.17
N ALA B 326 -11.03 -3.10 -29.85
CA ALA B 326 -10.95 -3.29 -31.31
C ALA B 326 -11.38 -2.05 -32.08
N GLN B 327 -12.19 -1.19 -31.45
CA GLN B 327 -12.68 0.06 -32.04
C GLN B 327 -11.78 1.28 -31.76
N GLY B 328 -10.67 1.07 -31.04
CA GLY B 328 -9.71 2.14 -30.74
C GLY B 328 -9.89 2.87 -29.43
N TYR B 329 -10.81 2.41 -28.57
CA TYR B 329 -11.02 3.02 -27.25
C TYR B 329 -9.93 2.57 -26.28
N ASN B 330 -9.66 3.36 -25.25
CA ASN B 330 -8.64 3.02 -24.25
C ASN B 330 -9.31 2.26 -23.11
N ILE B 331 -9.07 0.94 -23.07
CA ILE B 331 -9.73 0.05 -22.12
C ILE B 331 -8.74 -0.67 -21.25
N ALA B 332 -8.92 -0.56 -19.93
CA ALA B 332 -8.14 -1.32 -18.96
C ALA B 332 -9.13 -2.34 -18.36
N LEU B 333 -8.87 -3.64 -18.52
CA LEU B 333 -9.73 -4.68 -17.95
C LEU B 333 -8.99 -5.32 -16.78
N PHE B 334 -9.54 -5.22 -15.56
CA PHE B 334 -8.94 -5.86 -14.41
C PHE B 334 -9.78 -7.05 -13.96
N ASP B 335 -9.13 -8.19 -13.75
CA ASP B 335 -9.83 -9.41 -13.34
C ASP B 335 -10.01 -9.46 -11.82
N THR B 336 -11.00 -8.72 -11.33
CA THR B 336 -11.37 -8.68 -9.90
C THR B 336 -11.79 -10.07 -9.42
N HIS B 337 -12.50 -10.83 -10.30
CA HIS B 337 -12.95 -12.19 -9.98
C HIS B 337 -11.76 -13.06 -9.58
N ALA B 338 -10.69 -13.09 -10.40
CA ALA B 338 -9.49 -13.89 -10.11
C ALA B 338 -8.76 -13.43 -8.85
N LEU B 339 -8.68 -12.10 -8.62
CA LEU B 339 -8.04 -11.54 -7.41
C LEU B 339 -8.80 -11.96 -6.16
N PHE B 340 -10.13 -11.90 -6.23
CA PHE B 340 -10.98 -12.25 -5.11
C PHE B 340 -11.00 -13.76 -4.79
N GLU B 341 -10.87 -14.63 -5.82
CA GLU B 341 -10.74 -16.08 -5.60
C GLU B 341 -9.47 -16.33 -4.80
N LYS B 342 -8.36 -15.62 -5.11
CA LYS B 342 -7.07 -15.74 -4.41
C LYS B 342 -7.12 -15.20 -2.99
N LEU B 343 -7.76 -14.02 -2.76
CA LEU B 343 -7.95 -13.37 -1.45
C LEU B 343 -8.76 -14.22 -0.49
N THR B 344 -9.80 -14.89 -1.01
CA THR B 344 -10.67 -15.68 -0.15
C THR B 344 -10.13 -17.10 0.07
N SER B 345 -9.30 -17.63 -0.84
CA SER B 345 -8.75 -18.98 -0.64
C SER B 345 -7.47 -18.95 0.19
N ALA B 346 -6.66 -17.87 0.09
CA ALA B 346 -5.43 -17.75 0.87
C ALA B 346 -5.26 -16.30 1.37
N PRO B 347 -6.10 -15.82 2.34
CA PRO B 347 -5.95 -14.44 2.84
C PRO B 347 -4.57 -14.14 3.47
N GLU B 348 -3.91 -15.17 4.05
CA GLU B 348 -2.61 -15.10 4.67
C GLU B 348 -1.47 -14.85 3.68
N GLU B 349 -1.76 -14.98 2.39
CA GLU B 349 -0.77 -14.72 1.34
C GLU B 349 -0.93 -13.29 0.81
N HIS B 350 -1.95 -12.56 1.29
CA HIS B 350 -2.25 -11.24 0.74
C HIS B 350 -2.40 -10.11 1.77
N GLY B 351 -1.92 -10.33 2.99
CA GLY B 351 -1.95 -9.32 4.05
C GLY B 351 -3.16 -9.38 4.95
N PHE B 352 -3.90 -10.51 4.94
CA PHE B 352 -5.11 -10.67 5.76
C PHE B 352 -5.08 -11.91 6.66
N VAL B 353 -5.88 -11.90 7.74
CA VAL B 353 -6.01 -13.02 8.69
C VAL B 353 -7.34 -13.74 8.50
N ASN B 354 -8.40 -13.00 8.10
CA ASN B 354 -9.73 -13.56 7.95
C ASN B 354 -10.43 -13.10 6.68
N ALA B 355 -10.88 -14.07 5.87
CA ALA B 355 -11.62 -13.85 4.63
C ALA B 355 -13.02 -14.47 4.67
N SER B 356 -13.43 -15.08 5.83
CA SER B 356 -14.74 -15.76 5.94
C SER B 356 -15.82 -15.00 6.73
N ASP B 357 -15.43 -14.20 7.75
CA ASP B 357 -16.37 -13.44 8.57
C ASP B 357 -16.33 -11.92 8.38
N PRO B 358 -17.44 -11.19 8.65
CA PRO B 358 -17.37 -9.71 8.61
C PRO B 358 -16.56 -9.16 9.80
N CYS B 359 -15.93 -7.98 9.64
CA CYS B 359 -15.22 -7.37 10.77
C CYS B 359 -16.26 -6.94 11.83
N LEU B 360 -17.42 -6.45 11.35
CA LEU B 360 -18.55 -6.09 12.22
C LEU B 360 -19.24 -7.35 12.73
N ASP B 361 -19.77 -7.32 13.97
CA ASP B 361 -20.44 -8.48 14.56
C ASP B 361 -21.88 -8.65 14.05
N ILE B 362 -21.99 -8.92 12.72
CA ILE B 362 -23.25 -9.14 11.99
C ILE B 362 -23.28 -10.62 11.63
N ASN B 363 -24.27 -11.35 12.18
CA ASN B 363 -24.35 -12.80 12.04
C ASN B 363 -25.64 -13.28 11.37
N ARG B 364 -26.08 -12.52 10.38
CA ARG B 364 -27.28 -12.75 9.56
C ARG B 364 -27.18 -11.87 8.32
N SER B 365 -28.08 -12.07 7.34
CA SER B 365 -28.17 -11.25 6.13
C SER B 365 -29.52 -10.56 6.09
N SER B 366 -29.56 -9.31 6.59
CA SER B 366 -30.75 -8.49 6.62
C SER B 366 -30.40 -7.05 6.27
N SER B 367 -31.10 -6.45 5.31
CA SER B 367 -30.86 -5.05 4.90
C SER B 367 -31.12 -4.02 6.03
N VAL B 368 -31.90 -4.39 7.05
CA VAL B 368 -32.19 -3.51 8.20
C VAL B 368 -30.93 -3.23 9.03
N ASP B 369 -29.93 -4.15 9.00
CA ASP B 369 -28.67 -3.99 9.72
C ASP B 369 -27.90 -2.74 9.32
N TYR B 370 -28.10 -2.26 8.08
CA TYR B 370 -27.48 -1.02 7.62
C TYR B 370 -27.98 0.24 8.36
N MET B 371 -29.08 0.12 9.15
CA MET B 371 -29.70 1.20 9.93
C MET B 371 -29.14 1.32 11.35
N TYR B 372 -28.39 0.32 11.84
CA TYR B 372 -27.88 0.33 13.22
C TYR B 372 -26.38 0.42 13.36
N THR B 373 -25.94 0.69 14.61
CA THR B 373 -24.52 0.69 15.00
C THR B 373 -24.20 -0.75 15.37
N HIS B 374 -23.01 -1.24 14.96
CA HIS B 374 -22.56 -2.58 15.27
C HIS B 374 -21.17 -2.54 15.86
N SER B 375 -20.92 -3.39 16.85
CA SER B 375 -19.60 -3.54 17.44
C SER B 375 -18.77 -4.42 16.52
N LEU B 376 -17.46 -4.31 16.62
CA LEU B 376 -16.55 -5.15 15.85
C LEU B 376 -16.49 -6.48 16.59
N ARG B 377 -16.56 -7.63 15.88
CA ARG B 377 -16.46 -8.92 16.57
C ARG B 377 -15.05 -9.00 17.16
N SER B 378 -14.88 -9.76 18.27
CA SER B 378 -13.63 -9.85 19.02
C SER B 378 -12.39 -10.10 18.13
N GLU B 379 -12.46 -11.06 17.19
CA GLU B 379 -11.37 -11.39 16.28
C GLU B 379 -10.90 -10.19 15.47
N CYS B 380 -11.82 -9.32 15.02
CA CYS B 380 -11.44 -8.13 14.26
C CYS B 380 -10.92 -7.01 15.13
N ALA B 381 -11.50 -6.82 16.33
CA ALA B 381 -11.03 -5.85 17.31
C ALA B 381 -9.54 -6.15 17.63
N ALA B 382 -9.19 -7.44 17.78
CA ALA B 382 -7.84 -7.92 18.07
C ALA B 382 -6.85 -7.71 16.90
N SER B 383 -7.21 -8.16 15.69
CA SER B 383 -6.32 -8.06 14.53
C SER B 383 -6.23 -6.67 13.92
N GLY B 384 -7.32 -5.92 14.03
CA GLY B 384 -7.48 -4.62 13.36
C GLY B 384 -8.28 -4.85 12.08
N ALA B 385 -9.03 -3.83 11.63
CA ALA B 385 -9.88 -3.92 10.44
C ALA B 385 -9.12 -4.14 9.14
N ASP B 386 -7.83 -3.71 9.10
CA ASP B 386 -7.00 -3.84 7.91
C ASP B 386 -6.60 -5.30 7.63
N LYS B 387 -6.89 -6.22 8.58
CA LYS B 387 -6.58 -7.65 8.45
C LYS B 387 -7.79 -8.52 8.12
N PHE B 388 -8.95 -7.90 7.93
CA PHE B 388 -10.16 -8.60 7.52
C PHE B 388 -10.50 -8.25 6.08
N VAL B 389 -10.88 -9.25 5.25
CA VAL B 389 -11.31 -9.03 3.86
C VAL B 389 -12.64 -8.28 3.84
N PHE B 390 -13.58 -8.73 4.68
CA PHE B 390 -14.93 -8.19 4.75
C PHE B 390 -15.18 -7.29 5.94
N TRP B 391 -15.86 -6.15 5.69
CA TRP B 391 -16.26 -5.18 6.71
C TRP B 391 -17.61 -5.62 7.31
N ASP B 392 -18.59 -5.86 6.44
CA ASP B 392 -19.93 -6.32 6.82
C ASP B 392 -20.15 -7.70 6.14
N VAL B 393 -21.41 -8.15 6.01
CA VAL B 393 -21.70 -9.46 5.40
C VAL B 393 -21.55 -9.45 3.88
N THR B 394 -21.42 -8.26 3.25
CA THR B 394 -21.34 -8.15 1.79
C THR B 394 -20.10 -7.41 1.30
N HIS B 395 -19.77 -6.31 1.96
CA HIS B 395 -18.79 -5.35 1.49
C HIS B 395 -17.40 -5.52 2.03
N PRO B 396 -16.40 -5.22 1.16
CA PRO B 396 -15.01 -5.31 1.59
C PRO B 396 -14.63 -4.16 2.51
N THR B 397 -13.57 -4.38 3.29
CA THR B 397 -12.96 -3.38 4.16
C THR B 397 -12.20 -2.41 3.24
N THR B 398 -11.79 -1.27 3.78
CA THR B 398 -11.02 -0.28 3.03
C THR B 398 -9.62 -0.82 2.67
N ALA B 399 -9.04 -1.75 3.48
CA ALA B 399 -7.74 -2.39 3.17
C ALA B 399 -7.91 -3.24 1.90
N THR B 400 -9.08 -3.91 1.74
CA THR B 400 -9.40 -4.68 0.52
C THR B 400 -9.52 -3.75 -0.68
N HIS B 401 -10.28 -2.63 -0.55
CA HIS B 401 -10.47 -1.62 -1.60
C HIS B 401 -9.11 -1.06 -2.07
N ARG B 402 -8.17 -0.78 -1.11
CA ARG B 402 -6.84 -0.27 -1.40
C ARG B 402 -6.02 -1.29 -2.18
N TYR B 403 -6.05 -2.57 -1.73
CA TYR B 403 -5.37 -3.70 -2.37
C TYR B 403 -5.85 -3.87 -3.80
N VAL B 404 -7.18 -3.71 -4.03
CA VAL B 404 -7.79 -3.77 -5.36
C VAL B 404 -7.22 -2.64 -6.24
N ALA B 405 -7.31 -1.38 -5.75
CA ALA B 405 -6.85 -0.16 -6.42
C ALA B 405 -5.40 -0.25 -6.93
N GLU B 406 -4.49 -0.79 -6.13
CA GLU B 406 -3.09 -1.00 -6.52
C GLU B 406 -3.03 -1.73 -7.87
N LYS B 407 -3.82 -2.79 -7.96
CA LYS B 407 -3.92 -3.67 -9.11
C LYS B 407 -4.63 -3.00 -10.30
N MET B 408 -5.76 -2.26 -10.08
CA MET B 408 -6.49 -1.54 -11.16
C MET B 408 -5.53 -0.60 -11.91
N LEU B 409 -4.63 0.07 -11.16
CA LEU B 409 -3.63 0.97 -11.69
C LEU B 409 -2.57 0.22 -12.49
N GLU B 410 -2.16 -0.97 -12.01
CA GLU B 410 -1.17 -1.81 -12.69
C GLU B 410 -1.70 -2.29 -14.05
N SER B 411 -2.98 -2.74 -14.10
CA SER B 411 -3.65 -3.22 -15.32
C SER B 411 -3.90 -2.08 -16.34
N SER B 412 -3.71 -0.82 -15.92
CA SER B 412 -3.88 0.39 -16.73
C SER B 412 -2.50 1.02 -17.03
N ASN B 413 -1.43 0.44 -16.44
CA ASN B 413 -0.03 0.87 -16.51
C ASN B 413 0.09 2.31 -15.96
N ASN B 414 -0.61 2.59 -14.84
CA ASN B 414 -0.68 3.88 -14.14
C ASN B 414 -0.99 5.04 -15.11
N LEU B 415 -2.16 4.96 -15.80
CA LEU B 415 -2.73 5.94 -16.77
C LEU B 415 -2.14 5.84 -18.22
N GLU B 416 -1.06 5.04 -18.44
CA GLU B 416 -0.43 4.86 -19.77
C GLU B 416 -1.39 4.30 -20.85
N GLU B 417 -2.30 3.40 -20.44
CA GLU B 417 -3.31 2.83 -21.35
C GLU B 417 -4.24 3.95 -21.86
N PHE B 418 -4.35 5.06 -21.08
CA PHE B 418 -5.23 6.19 -21.37
C PHE B 418 -4.52 7.42 -21.90
C1 OLA C . 11.87 -15.31 4.46
O1 OLA C . 10.73 -15.67 4.45
O2 OLA C . 12.24 -14.14 4.92
C2 OLA C . 12.97 -16.15 3.86
C3 OLA C . 14.35 -15.96 4.46
C4 OLA C . 14.44 -16.49 5.87
C5 OLA C . 15.73 -16.07 6.54
C6 OLA C . 16.59 -17.19 7.02
C7 OLA C . 16.93 -18.26 6.00
C8 OLA C . 18.42 -18.57 5.91
C9 OLA C . 18.99 -19.03 7.20
C10 OLA C . 20.23 -18.87 7.61
C11 OLA C . 21.36 -18.27 6.85
C12 OLA C . 21.50 -16.78 7.00
C13 OLA C . 22.92 -16.32 6.81
C14 OLA C . 23.14 -14.96 7.43
C15 OLA C . 23.57 -13.85 6.49
C16 OLA C . 22.69 -13.59 5.32
C17 OLA C . 23.04 -12.28 4.67
C18 OLA C . 22.31 -12.09 3.37
OH2 1PE D . 27.54 -9.40 -23.99
C12 1PE D . 26.81 -10.37 -23.26
C22 1PE D . 27.25 -11.77 -23.60
OH3 1PE D . 26.56 -12.71 -22.78
C13 1PE D . 27.47 -14.07 -21.04
C23 1PE D . 27.32 -13.89 -22.52
OH4 1PE D . 27.88 -15.40 -20.71
C14 1PE D . 27.12 -16.29 -18.60
C24 1PE D . 28.21 -15.56 -19.33
OH5 1PE D . 27.54 -17.59 -18.19
C15 1PE D . 27.93 -19.14 -16.34
C25 1PE D . 27.58 -17.75 -16.77
OH6 1PE D . 27.94 -19.24 -14.91
C16 1PE D . 29.27 -20.05 -13.10
C26 1PE D . 29.25 -19.20 -14.33
OH7 1PE D . 30.56 -20.61 -12.86
MG MG E . -32.16 -2.58 -19.75
#